data_1RY8
#
_entry.id   1RY8
#
_cell.length_a   47.06
_cell.length_b   49.37
_cell.length_c   83.59
_cell.angle_alpha   73.9
_cell.angle_beta   86.3
_cell.angle_gamma   69.9
#
_symmetry.space_group_name_H-M   'P 1'
#
loop_
_entity.id
_entity.type
_entity.pdbx_description
1 polymer 'Aldo-keto reductase family 1 member C3'
2 non-polymer 'NADPH DIHYDRO-NICOTINAMIDE-ADENINE-DINUCLEOTIDE PHOSPHATE'
3 non-polymer RUTIN
4 water water
#
_entity_poly.entity_id   1
_entity_poly.type   'polypeptide(L)'
_entity_poly.pdbx_seq_one_letter_code
;MDSKQQCVKLNDGHFMPVLGFGTYAPPEVPRSKALEVTKLAIEAGFRHIDSAHLYNNEEQVGLAIRSKIADGSVKREDIF
YTSKLWSTFHRPELVRPALENSLKKAQLDYVDLYLIHSPMSLKPGEELSPTDENGKVIFDIVDLCTTWEAMEKCKDAGLA
KSIGVSNFNRRQLEMILNKPGLKYKPVCNQVECHPYFNRSKLLDFCKSKDIVLVAYSALGSQRDKRWVDPNSPVLLEDPV
LCALAKKHKRTPALIALRYQLQRGVVVLAKSYNEQRIRQNVQVFEFQLTAEDMKAIDGLDRNLHYFNSDSFASHPNYPYS
DEY
;
_entity_poly.pdbx_strand_id   A,B
#
loop_
_chem_comp.id
_chem_comp.type
_chem_comp.name
_chem_comp.formula
NDP non-polymer 'NADPH DIHYDRO-NICOTINAMIDE-ADENINE-DINUCLEOTIDE PHOSPHATE' 'C21 H30 N7 O17 P3'
RUT non-polymer RUTIN 'C27 H30 O16'
#
# COMPACT_ATOMS: atom_id res chain seq x y z
N GLN A 5 35.59 0.55 -5.41
CA GLN A 5 34.44 1.48 -5.61
C GLN A 5 33.97 2.06 -4.26
N GLN A 6 32.80 2.69 -4.28
CA GLN A 6 32.22 3.29 -3.07
C GLN A 6 31.83 2.20 -2.07
N CYS A 7 32.10 2.46 -0.79
CA CYS A 7 31.78 1.52 0.28
C CYS A 7 31.02 2.23 1.38
N VAL A 8 30.36 1.44 2.22
CA VAL A 8 29.63 1.96 3.36
C VAL A 8 30.21 1.24 4.58
N LYS A 9 30.52 2.00 5.63
CA LYS A 9 31.07 1.42 6.85
C LYS A 9 29.94 0.85 7.70
N LEU A 10 30.08 -0.43 8.04
CA LEU A 10 29.08 -1.13 8.84
C LEU A 10 29.26 -0.82 10.34
N ASN A 11 28.22 -1.08 11.13
CA ASN A 11 28.28 -0.82 12.56
C ASN A 11 29.25 -1.82 13.17
N ASP A 12 29.93 -2.50 12.26
CA ASP A 12 30.92 -3.53 12.53
C ASP A 12 32.34 -2.97 12.45
N GLY A 13 32.49 -1.92 11.66
CA GLY A 13 33.79 -1.32 11.47
C GLY A 13 34.25 -1.81 10.11
N HIS A 14 33.61 -2.87 9.62
CA HIS A 14 33.94 -3.44 8.33
C HIS A 14 33.30 -2.60 7.24
N PHE A 15 33.74 -2.78 6.00
CA PHE A 15 33.22 -2.02 4.87
C PHE A 15 32.56 -2.92 3.83
N MET A 16 31.45 -2.45 3.27
CA MET A 16 30.69 -3.19 2.27
C MET A 16 30.53 -2.33 1.01
N PRO A 17 30.89 -2.88 -0.15
CA PRO A 17 30.74 -2.08 -1.38
C PRO A 17 29.25 -1.81 -1.61
N VAL A 18 28.90 -0.56 -1.90
CA VAL A 18 27.49 -0.20 -2.08
C VAL A 18 26.82 -0.82 -3.30
N LEU A 19 27.59 -1.45 -4.17
CA LEU A 19 27.05 -2.10 -5.36
C LEU A 19 27.45 -3.58 -5.31
N GLY A 20 26.45 -4.46 -5.34
CA GLY A 20 26.71 -5.89 -5.29
C GLY A 20 26.19 -6.67 -6.49
N PHE A 21 26.82 -7.81 -6.76
CA PHE A 21 26.42 -8.66 -7.86
C PHE A 21 25.51 -9.79 -7.36
N GLY A 22 24.29 -9.84 -7.89
CA GLY A 22 23.36 -10.89 -7.51
C GLY A 22 23.67 -12.15 -8.33
N THR A 23 23.84 -13.27 -7.65
CA THR A 23 24.19 -14.50 -8.36
C THR A 23 23.09 -15.54 -8.62
N TYR A 24 21.87 -15.30 -8.15
CA TYR A 24 20.84 -16.29 -8.38
C TYR A 24 20.38 -16.43 -9.83
N ALA A 25 20.29 -17.68 -10.27
CA ALA A 25 19.79 -18.01 -11.61
C ALA A 25 18.91 -19.23 -11.38
N PRO A 26 17.78 -19.31 -12.09
CA PRO A 26 16.89 -20.47 -11.90
C PRO A 26 17.58 -21.80 -12.22
N PRO A 27 17.03 -22.91 -11.71
CA PRO A 27 17.56 -24.26 -11.92
C PRO A 27 17.83 -24.65 -13.37
N GLU A 28 17.07 -24.08 -14.29
CA GLU A 28 17.22 -24.37 -15.72
C GLU A 28 18.53 -23.84 -16.29
N VAL A 29 19.13 -22.87 -15.62
CA VAL A 29 20.38 -22.29 -16.07
C VAL A 29 21.54 -23.19 -15.64
N PRO A 30 22.36 -23.65 -16.59
CA PRO A 30 23.49 -24.52 -16.25
C PRO A 30 24.39 -23.87 -15.20
N ARG A 31 24.87 -24.65 -14.24
CA ARG A 31 25.71 -24.10 -13.19
C ARG A 31 27.03 -23.51 -13.69
N SER A 32 27.49 -23.93 -14.86
CA SER A 32 28.73 -23.39 -15.42
C SER A 32 28.56 -21.89 -15.68
N LYS A 33 27.33 -21.46 -15.92
CA LYS A 33 27.05 -20.05 -16.17
C LYS A 33 27.41 -19.16 -14.96
N ALA A 34 27.09 -19.62 -13.76
CA ALA A 34 27.40 -18.86 -12.55
C ALA A 34 28.90 -18.60 -12.44
N LEU A 35 29.68 -19.60 -12.84
CA LEU A 35 31.13 -19.47 -12.80
C LEU A 35 31.58 -18.39 -13.81
N GLU A 36 31.10 -18.51 -15.04
CA GLU A 36 31.43 -17.58 -16.11
C GLU A 36 31.06 -16.12 -15.81
N VAL A 37 29.81 -15.88 -15.44
CA VAL A 37 29.35 -14.52 -15.18
C VAL A 37 29.96 -13.86 -13.94
N THR A 38 30.32 -14.64 -12.93
CA THR A 38 30.92 -14.05 -11.75
C THR A 38 32.29 -13.49 -12.12
N LYS A 39 32.99 -14.19 -13.01
CA LYS A 39 34.31 -13.74 -13.45
C LYS A 39 34.09 -12.42 -14.22
N LEU A 40 33.08 -12.41 -15.09
CA LEU A 40 32.75 -11.23 -15.87
C LEU A 40 32.43 -10.06 -14.94
N ALA A 41 31.68 -10.32 -13.88
CA ALA A 41 31.31 -9.29 -12.92
C ALA A 41 32.54 -8.70 -12.24
N ILE A 42 33.47 -9.56 -11.81
CA ILE A 42 34.69 -9.07 -11.17
C ILE A 42 35.52 -8.25 -12.16
N GLU A 43 35.59 -8.74 -13.40
CA GLU A 43 36.35 -8.05 -14.45
C GLU A 43 35.73 -6.67 -14.72
N ALA A 44 34.40 -6.58 -14.63
CA ALA A 44 33.68 -5.33 -14.86
C ALA A 44 33.90 -4.35 -13.71
N GLY A 45 34.23 -4.85 -12.53
CA GLY A 45 34.46 -3.98 -11.39
C GLY A 45 33.71 -4.33 -10.12
N PHE A 46 32.81 -5.30 -10.21
CA PHE A 46 32.03 -5.72 -9.04
C PHE A 46 32.99 -6.32 -8.00
N ARG A 47 32.82 -5.94 -6.75
CA ARG A 47 33.67 -6.44 -5.68
C ARG A 47 32.84 -7.09 -4.60
N HIS A 48 31.55 -6.79 -4.63
CA HIS A 48 30.57 -7.32 -3.67
C HIS A 48 29.80 -8.41 -4.42
N ILE A 49 29.82 -9.63 -3.89
CA ILE A 49 29.14 -10.76 -4.53
C ILE A 49 28.16 -11.46 -3.56
N ASP A 50 26.88 -11.46 -3.93
CA ASP A 50 25.83 -12.05 -3.10
C ASP A 50 25.42 -13.47 -3.49
N SER A 51 25.62 -14.41 -2.58
CA SER A 51 25.26 -15.80 -2.82
C SER A 51 24.52 -16.37 -1.61
N ALA A 52 24.29 -17.68 -1.61
CA ALA A 52 23.59 -18.34 -0.51
C ALA A 52 23.53 -19.84 -0.75
N HIS A 53 23.37 -20.60 0.32
CA HIS A 53 23.28 -22.05 0.23
C HIS A 53 22.13 -22.46 -0.70
N LEU A 54 21.00 -21.76 -0.60
CA LEU A 54 19.84 -22.08 -1.41
C LEU A 54 20.06 -21.98 -2.93
N TYR A 55 20.97 -21.11 -3.36
CA TYR A 55 21.22 -20.88 -4.79
C TYR A 55 21.88 -22.03 -5.56
N ASN A 56 22.41 -23.01 -4.85
CA ASN A 56 23.09 -24.13 -5.52
C ASN A 56 24.13 -23.60 -6.52
N ASN A 57 24.97 -22.67 -6.06
CA ASN A 57 26.02 -22.09 -6.91
C ASN A 57 27.26 -21.61 -6.16
N GLU A 58 27.30 -21.78 -4.84
CA GLU A 58 28.46 -21.32 -4.07
C GLU A 58 29.79 -21.90 -4.54
N GLU A 59 29.76 -23.14 -5.04
CA GLU A 59 30.98 -23.76 -5.53
C GLU A 59 31.50 -23.02 -6.77
N GLN A 60 30.58 -22.68 -7.68
CA GLN A 60 30.92 -21.98 -8.92
C GLN A 60 31.35 -20.55 -8.66
N VAL A 61 30.64 -19.87 -7.75
CA VAL A 61 30.96 -18.49 -7.40
C VAL A 61 32.34 -18.45 -6.73
N GLY A 62 32.60 -19.44 -5.89
CA GLY A 62 33.89 -19.52 -5.20
C GLY A 62 35.00 -19.81 -6.20
N LEU A 63 34.72 -20.67 -7.17
CA LEU A 63 35.69 -21.02 -8.20
C LEU A 63 36.06 -19.77 -9.01
N ALA A 64 35.05 -18.96 -9.31
CA ALA A 64 35.27 -17.74 -10.07
C ALA A 64 36.18 -16.80 -9.29
N ILE A 65 35.94 -16.70 -7.99
CA ILE A 65 36.73 -15.82 -7.12
C ILE A 65 38.18 -16.30 -7.05
N ARG A 66 38.35 -17.62 -6.91
CA ARG A 66 39.68 -18.20 -6.83
C ARG A 66 40.40 -17.95 -8.15
N SER A 67 39.66 -18.02 -9.24
CA SER A 67 40.22 -17.81 -10.57
C SER A 67 40.73 -16.37 -10.76
N LYS A 68 39.94 -15.39 -10.35
CA LYS A 68 40.34 -13.99 -10.51
C LYS A 68 41.44 -13.62 -9.53
N ILE A 69 41.61 -14.42 -8.48
CA ILE A 69 42.65 -14.16 -7.50
C ILE A 69 43.95 -14.73 -8.08
N ALA A 70 43.84 -15.94 -8.64
CA ALA A 70 44.97 -16.64 -9.24
C ALA A 70 45.59 -15.85 -10.38
N ASP A 71 44.75 -15.28 -11.26
CA ASP A 71 45.27 -14.50 -12.38
C ASP A 71 45.67 -13.08 -11.97
N GLY A 72 45.72 -12.84 -10.66
CA GLY A 72 46.12 -11.54 -10.15
C GLY A 72 45.18 -10.38 -10.35
N SER A 73 43.93 -10.65 -10.75
CA SER A 73 42.96 -9.58 -10.98
C SER A 73 42.55 -8.90 -9.67
N VAL A 74 42.50 -9.69 -8.60
CA VAL A 74 42.11 -9.18 -7.28
C VAL A 74 42.70 -10.06 -6.18
N LYS A 75 42.64 -9.57 -4.95
CA LYS A 75 43.10 -10.31 -3.78
C LYS A 75 41.83 -10.65 -3.02
N ARG A 76 41.87 -11.68 -2.17
CA ARG A 76 40.68 -12.07 -1.41
C ARG A 76 40.11 -10.90 -0.61
N GLU A 77 40.99 -10.12 0.01
CA GLU A 77 40.54 -8.98 0.82
C GLU A 77 39.88 -7.88 0.01
N ASP A 78 39.94 -7.97 -1.31
CA ASP A 78 39.32 -6.98 -2.18
C ASP A 78 37.87 -7.38 -2.49
N ILE A 79 37.57 -8.66 -2.26
CA ILE A 79 36.24 -9.19 -2.54
C ILE A 79 35.37 -9.28 -1.28
N PHE A 80 34.11 -8.87 -1.41
CA PHE A 80 33.15 -8.94 -0.31
C PHE A 80 32.14 -10.03 -0.70
N TYR A 81 32.31 -11.19 -0.10
CA TYR A 81 31.45 -12.33 -0.40
C TYR A 81 30.43 -12.60 0.71
N THR A 82 29.15 -12.73 0.34
CA THR A 82 28.15 -13.04 1.35
C THR A 82 27.40 -14.32 1.04
N SER A 83 27.09 -15.06 2.10
CA SER A 83 26.32 -16.29 2.00
C SER A 83 25.18 -16.12 3.00
N LYS A 84 24.23 -17.05 2.94
CA LYS A 84 23.07 -17.01 3.81
C LYS A 84 22.72 -18.37 4.42
N LEU A 85 22.33 -18.34 5.68
CA LEU A 85 21.93 -19.54 6.39
C LEU A 85 20.49 -19.84 6.00
N TRP A 86 20.24 -21.01 5.40
CA TRP A 86 18.89 -21.37 5.01
C TRP A 86 18.01 -21.70 6.23
N SER A 87 16.71 -21.47 6.07
CA SER A 87 15.72 -21.66 7.14
C SER A 87 15.59 -23.04 7.78
N THR A 88 16.18 -24.05 7.15
CA THR A 88 16.12 -25.39 7.70
C THR A 88 17.27 -25.62 8.68
N PHE A 89 18.09 -24.59 8.87
CA PHE A 89 19.25 -24.64 9.76
C PHE A 89 19.20 -23.57 10.84
N HIS A 90 18.00 -23.17 11.26
CA HIS A 90 17.84 -22.16 12.28
C HIS A 90 18.21 -22.62 13.70
N ARG A 91 18.03 -23.91 13.96
CA ARG A 91 18.37 -24.43 15.27
C ARG A 91 19.86 -24.15 15.48
N PRO A 92 20.20 -23.52 16.61
CA PRO A 92 21.56 -23.11 17.03
C PRO A 92 22.71 -24.07 16.73
N GLU A 93 22.49 -25.35 16.91
CA GLU A 93 23.54 -26.34 16.69
C GLU A 93 23.83 -26.61 15.22
N LEU A 94 22.93 -26.17 14.34
CA LEU A 94 23.10 -26.38 12.91
C LEU A 94 23.70 -25.18 12.19
N VAL A 95 23.88 -24.08 12.91
CA VAL A 95 24.41 -22.86 12.30
C VAL A 95 25.86 -22.94 11.83
N ARG A 96 26.79 -23.16 12.75
CA ARG A 96 28.20 -23.25 12.35
C ARG A 96 28.41 -24.32 11.26
N PRO A 97 27.85 -25.53 11.46
CA PRO A 97 28.01 -26.57 10.45
C PRO A 97 27.50 -26.12 9.07
N ALA A 98 26.45 -25.33 9.07
CA ALA A 98 25.88 -24.83 7.81
C ALA A 98 26.90 -23.88 7.17
N LEU A 99 27.46 -22.98 7.97
CA LEU A 99 28.46 -22.04 7.46
C LEU A 99 29.70 -22.79 6.94
N GLU A 100 30.17 -23.75 7.72
CA GLU A 100 31.35 -24.52 7.33
C GLU A 100 31.15 -25.24 6.01
N ASN A 101 29.94 -25.71 5.76
CA ASN A 101 29.65 -26.41 4.52
C ASN A 101 29.70 -25.45 3.33
N SER A 102 29.23 -24.22 3.54
CA SER A 102 29.25 -23.22 2.48
C SER A 102 30.68 -22.81 2.18
N LEU A 103 31.48 -22.71 3.23
CA LEU A 103 32.90 -22.35 3.13
C LEU A 103 33.65 -23.44 2.36
N LYS A 104 33.32 -24.69 2.65
CA LYS A 104 33.94 -25.83 1.99
C LYS A 104 33.54 -25.87 0.52
N LYS A 105 32.28 -25.54 0.25
CA LYS A 105 31.78 -25.54 -1.10
C LYS A 105 32.46 -24.46 -1.92
N ALA A 106 32.52 -23.25 -1.36
CA ALA A 106 33.14 -22.11 -2.03
C ALA A 106 34.66 -22.13 -1.97
N GLN A 107 35.23 -23.06 -1.21
CA GLN A 107 36.67 -23.15 -1.07
C GLN A 107 37.22 -21.82 -0.52
N LEU A 108 36.56 -21.31 0.51
CA LEU A 108 36.96 -20.06 1.15
C LEU A 108 37.23 -20.32 2.63
N ASP A 109 38.00 -19.44 3.25
CA ASP A 109 38.34 -19.57 4.66
C ASP A 109 37.30 -18.82 5.50
N TYR A 110 36.65 -17.85 4.89
CA TYR A 110 35.62 -17.06 5.56
C TYR A 110 34.74 -16.37 4.54
N VAL A 111 33.58 -15.90 5.02
CA VAL A 111 32.65 -15.15 4.19
C VAL A 111 32.69 -13.76 4.81
N ASP A 112 32.55 -12.72 3.99
CA ASP A 112 32.58 -11.38 4.53
C ASP A 112 31.28 -11.07 5.26
N LEU A 113 30.21 -11.78 4.89
CA LEU A 113 28.91 -11.55 5.51
C LEU A 113 28.05 -12.80 5.50
N TYR A 114 27.51 -13.16 6.65
CA TYR A 114 26.63 -14.32 6.74
C TYR A 114 25.29 -13.80 7.22
N LEU A 115 24.23 -14.19 6.54
CA LEU A 115 22.90 -13.72 6.92
C LEU A 115 21.93 -14.84 7.21
N ILE A 116 20.95 -14.53 8.08
CA ILE A 116 19.89 -15.48 8.33
C ILE A 116 19.03 -15.13 7.09
N HIS A 117 18.91 -16.08 6.16
CA HIS A 117 18.18 -15.88 4.91
C HIS A 117 16.73 -15.41 5.05
N SER A 118 16.02 -15.95 6.03
CA SER A 118 14.62 -15.61 6.26
C SER A 118 14.23 -15.95 7.70
N PRO A 119 13.32 -15.17 8.30
CA PRO A 119 12.92 -15.47 9.68
C PRO A 119 11.97 -16.67 9.80
N MET A 120 11.48 -17.16 8.67
CA MET A 120 10.53 -18.27 8.67
C MET A 120 11.14 -19.67 8.73
N SER A 121 11.39 -20.12 9.95
CA SER A 121 11.99 -21.42 10.19
C SER A 121 11.23 -22.58 9.55
N LEU A 122 11.99 -23.53 9.02
CA LEU A 122 11.43 -24.71 8.38
C LEU A 122 11.99 -25.95 9.08
N LYS A 123 11.30 -27.07 8.94
CA LYS A 123 11.73 -28.32 9.57
C LYS A 123 13.21 -28.61 9.27
N PRO A 124 14.01 -28.86 10.32
CA PRO A 124 15.45 -29.15 10.16
C PRO A 124 15.74 -30.33 9.23
N GLY A 125 16.78 -30.20 8.42
CA GLY A 125 17.13 -31.27 7.51
C GLY A 125 17.92 -30.84 6.28
N GLU A 126 18.43 -31.81 5.54
CA GLU A 126 19.20 -31.55 4.33
C GLU A 126 18.28 -30.99 3.26
N GLU A 127 17.05 -31.50 3.21
CA GLU A 127 16.08 -31.01 2.24
C GLU A 127 15.78 -29.55 2.53
N LEU A 128 15.93 -28.70 1.52
CA LEU A 128 15.70 -27.27 1.67
C LEU A 128 14.23 -26.89 1.73
N SER A 129 13.36 -27.72 1.17
CA SER A 129 11.92 -27.44 1.21
C SER A 129 11.16 -28.66 1.69
N PRO A 130 11.09 -28.86 3.02
CA PRO A 130 10.38 -30.00 3.60
C PRO A 130 8.88 -29.86 3.51
N THR A 131 8.20 -30.91 3.03
CA THR A 131 6.74 -30.89 2.92
C THR A 131 6.13 -32.16 3.52
N ASP A 132 4.92 -32.05 4.06
CA ASP A 132 4.27 -33.18 4.68
C ASP A 132 3.54 -34.09 3.69
N GLU A 133 2.75 -35.01 4.25
CA GLU A 133 1.99 -35.97 3.46
C GLU A 133 0.94 -35.34 2.55
N ASN A 134 0.55 -34.10 2.82
CA ASN A 134 -0.44 -33.43 2.00
C ASN A 134 0.18 -32.34 1.13
N GLY A 135 1.49 -32.43 0.93
CA GLY A 135 2.20 -31.48 0.10
C GLY A 135 2.41 -30.09 0.67
N LYS A 136 2.27 -29.93 1.98
CA LYS A 136 2.47 -28.62 2.57
C LYS A 136 3.83 -28.49 3.23
N VAL A 137 4.51 -27.37 3.00
CA VAL A 137 5.83 -27.15 3.58
C VAL A 137 5.74 -27.20 5.10
N ILE A 138 6.72 -27.85 5.71
CA ILE A 138 6.76 -28.01 7.16
C ILE A 138 7.52 -26.91 7.89
N PHE A 139 6.80 -26.15 8.71
CA PHE A 139 7.38 -25.07 9.50
C PHE A 139 8.03 -25.65 10.76
N ASP A 140 8.88 -24.85 11.39
CA ASP A 140 9.54 -25.24 12.62
C ASP A 140 9.46 -24.02 13.52
N ILE A 141 9.49 -24.23 14.83
CA ILE A 141 9.43 -23.11 15.76
C ILE A 141 10.79 -22.97 16.43
N VAL A 142 11.47 -21.86 16.16
CA VAL A 142 12.77 -21.60 16.73
C VAL A 142 12.89 -20.15 17.21
N ASP A 143 13.53 -19.96 18.36
CA ASP A 143 13.74 -18.63 18.89
C ASP A 143 14.90 -18.06 18.08
N LEU A 144 14.61 -17.10 17.21
CA LEU A 144 15.63 -16.51 16.36
C LEU A 144 16.75 -15.85 17.15
N CYS A 145 16.51 -15.57 18.43
CA CYS A 145 17.54 -14.96 19.25
C CYS A 145 18.64 -15.98 19.51
N THR A 146 18.26 -17.24 19.62
CA THR A 146 19.23 -18.30 19.83
C THR A 146 19.97 -18.54 18.51
N THR A 147 19.27 -18.36 17.39
CA THR A 147 19.89 -18.53 16.09
C THR A 147 20.94 -17.42 15.97
N TRP A 148 20.58 -16.21 16.41
CA TRP A 148 21.49 -15.08 16.36
C TRP A 148 22.71 -15.29 17.25
N GLU A 149 22.50 -15.89 18.42
CA GLU A 149 23.61 -16.15 19.34
C GLU A 149 24.62 -17.06 18.62
N ALA A 150 24.10 -18.02 17.85
CA ALA A 150 24.93 -18.95 17.09
C ALA A 150 25.67 -18.21 15.96
N MET A 151 25.02 -17.19 15.38
CA MET A 151 25.62 -16.40 14.32
C MET A 151 26.78 -15.61 14.90
N GLU A 152 26.56 -15.05 16.09
CA GLU A 152 27.59 -14.27 16.78
C GLU A 152 28.82 -15.14 17.04
N LYS A 153 28.60 -16.41 17.33
CA LYS A 153 29.68 -17.37 17.61
C LYS A 153 30.52 -17.59 16.34
N CYS A 154 29.86 -17.53 15.18
CA CYS A 154 30.53 -17.71 13.91
C CYS A 154 31.42 -16.53 13.57
N LYS A 155 31.03 -15.34 14.01
CA LYS A 155 31.80 -14.13 13.75
C LYS A 155 33.00 -14.11 14.70
N ASP A 156 32.81 -14.61 15.91
CA ASP A 156 33.87 -14.66 16.91
C ASP A 156 34.90 -15.70 16.48
N ALA A 157 34.41 -16.74 15.81
CA ALA A 157 35.28 -17.82 15.35
C ALA A 157 35.98 -17.45 14.03
N GLY A 158 35.74 -16.22 13.56
CA GLY A 158 36.36 -15.74 12.34
C GLY A 158 35.80 -16.26 11.02
N LEU A 159 34.81 -17.15 11.08
CA LEU A 159 34.21 -17.74 9.89
C LEU A 159 33.41 -16.72 9.06
N ALA A 160 32.90 -15.68 9.73
CA ALA A 160 32.13 -14.62 9.08
C ALA A 160 32.62 -13.30 9.64
N LYS A 161 33.10 -12.41 8.77
CA LYS A 161 33.60 -11.11 9.21
C LYS A 161 32.47 -10.25 9.75
N SER A 162 31.29 -10.41 9.16
CA SER A 162 30.12 -9.67 9.54
C SER A 162 28.89 -10.57 9.48
N ILE A 163 27.89 -10.25 10.29
CA ILE A 163 26.64 -11.01 10.32
C ILE A 163 25.45 -10.05 10.22
N GLY A 164 24.40 -10.49 9.54
CA GLY A 164 23.22 -9.67 9.38
C GLY A 164 22.00 -10.54 9.14
N VAL A 165 20.89 -9.90 8.77
CA VAL A 165 19.67 -10.65 8.52
C VAL A 165 19.09 -10.31 7.15
N SER A 166 18.08 -11.06 6.75
CA SER A 166 17.41 -10.85 5.48
C SER A 166 15.92 -11.15 5.64
N ASN A 167 15.10 -10.31 5.01
CA ASN A 167 13.64 -10.45 5.03
C ASN A 167 13.02 -10.26 6.42
N PHE A 168 13.65 -9.46 7.26
CA PHE A 168 13.16 -9.17 8.61
C PHE A 168 12.35 -7.87 8.62
N ASN A 169 11.26 -7.83 9.38
CA ASN A 169 10.48 -6.59 9.48
C ASN A 169 10.96 -5.87 10.74
N ARG A 170 10.43 -4.68 11.01
CA ARG A 170 10.86 -3.92 12.18
C ARG A 170 10.80 -4.69 13.49
N ARG A 171 9.67 -5.35 13.72
CA ARG A 171 9.46 -6.14 14.94
C ARG A 171 10.51 -7.24 15.09
N GLN A 172 10.79 -7.96 14.01
CA GLN A 172 11.78 -9.02 14.06
C GLN A 172 13.19 -8.48 14.34
N LEU A 173 13.52 -7.32 13.76
CA LEU A 173 14.82 -6.70 13.97
C LEU A 173 14.94 -6.27 15.42
N GLU A 174 13.84 -5.75 15.96
CA GLU A 174 13.83 -5.29 17.35
C GLU A 174 14.05 -6.44 18.31
N MET A 175 13.57 -7.62 17.92
CA MET A 175 13.71 -8.81 18.75
C MET A 175 15.20 -9.05 19.01
N ILE A 176 16.01 -8.90 17.96
CA ILE A 176 17.46 -9.07 18.07
C ILE A 176 18.10 -7.91 18.81
N LEU A 177 17.79 -6.69 18.38
CA LEU A 177 18.33 -5.48 18.99
C LEU A 177 18.07 -5.39 20.49
N ASN A 178 16.95 -5.95 20.93
CA ASN A 178 16.57 -5.90 22.34
C ASN A 178 16.97 -7.14 23.13
N LYS A 179 17.58 -8.12 22.45
CA LYS A 179 17.99 -9.35 23.11
C LYS A 179 19.00 -9.10 24.23
N PRO A 180 18.69 -9.57 25.44
CA PRO A 180 19.60 -9.38 26.58
C PRO A 180 20.96 -10.04 26.29
N GLY A 181 22.03 -9.32 26.57
CA GLY A 181 23.36 -9.87 26.36
C GLY A 181 23.82 -9.86 24.91
N LEU A 182 23.13 -9.09 24.07
CA LEU A 182 23.48 -9.00 22.65
C LEU A 182 24.92 -8.54 22.48
N LYS A 183 25.68 -9.25 21.64
CA LYS A 183 27.07 -8.91 21.38
C LYS A 183 27.24 -8.11 20.08
N TYR A 184 26.63 -8.58 19.00
CA TYR A 184 26.71 -7.89 17.71
C TYR A 184 25.33 -7.59 17.12
N LYS A 185 25.14 -6.35 16.68
CA LYS A 185 23.88 -5.98 16.05
C LYS A 185 23.98 -6.47 14.61
N PRO A 186 22.83 -6.70 13.95
CA PRO A 186 22.97 -7.16 12.56
C PRO A 186 23.53 -5.95 11.81
N VAL A 187 24.47 -6.16 10.88
CA VAL A 187 25.05 -5.03 10.17
C VAL A 187 24.11 -4.57 9.06
N CYS A 188 23.23 -5.46 8.64
CA CYS A 188 22.30 -5.14 7.56
C CYS A 188 21.03 -5.96 7.62
N ASN A 189 20.11 -5.59 6.75
CA ASN A 189 18.85 -6.30 6.55
C ASN A 189 18.63 -6.22 5.04
N GLN A 190 18.79 -7.36 4.38
CA GLN A 190 18.61 -7.44 2.94
C GLN A 190 17.15 -7.79 2.65
N VAL A 191 16.46 -6.86 1.99
CA VAL A 191 15.04 -7.05 1.68
C VAL A 191 14.69 -6.63 0.25
N GLU A 192 13.51 -7.06 -0.23
CA GLU A 192 13.09 -6.68 -1.56
C GLU A 192 12.87 -5.17 -1.52
N CYS A 193 13.53 -4.46 -2.41
CA CYS A 193 13.40 -3.02 -2.41
C CYS A 193 13.60 -2.47 -3.81
N HIS A 194 12.62 -1.69 -4.27
CA HIS A 194 12.64 -1.08 -5.60
C HIS A 194 11.58 0.03 -5.60
N PRO A 195 11.51 0.84 -6.66
CA PRO A 195 10.51 1.92 -6.71
C PRO A 195 9.04 1.53 -6.47
N TYR A 196 8.66 0.27 -6.70
CA TYR A 196 7.28 -0.16 -6.47
C TYR A 196 7.06 -0.69 -5.06
N PHE A 197 8.13 -0.67 -4.26
CA PHE A 197 8.14 -1.17 -2.89
C PHE A 197 9.44 -0.60 -2.34
N ASN A 198 9.47 0.71 -2.07
CA ASN A 198 10.68 1.38 -1.61
C ASN A 198 11.11 1.25 -0.16
N ARG A 199 10.27 0.65 0.68
CA ARG A 199 10.58 0.44 2.09
C ARG A 199 11.08 1.65 2.87
N SER A 200 10.53 2.83 2.59
CA SER A 200 10.95 4.06 3.26
C SER A 200 10.85 4.01 4.79
N LYS A 201 9.78 3.39 5.31
CA LYS A 201 9.59 3.30 6.75
C LYS A 201 10.66 2.42 7.38
N LEU A 202 10.86 1.24 6.81
CA LEU A 202 11.85 0.30 7.30
C LEU A 202 13.25 0.89 7.17
N LEU A 203 13.48 1.59 6.06
CA LEU A 203 14.77 2.22 5.78
C LEU A 203 15.09 3.25 6.87
N ASP A 204 14.09 4.06 7.22
CA ASP A 204 14.28 5.07 8.25
C ASP A 204 14.61 4.41 9.58
N PHE A 205 13.92 3.32 9.90
CA PHE A 205 14.16 2.62 11.15
C PHE A 205 15.59 2.07 11.16
N CYS A 206 15.95 1.36 10.10
CA CYS A 206 17.28 0.78 10.00
C CYS A 206 18.35 1.86 10.17
N LYS A 207 18.14 3.01 9.53
CA LYS A 207 19.10 4.11 9.64
C LYS A 207 19.27 4.56 11.08
N SER A 208 18.18 4.57 11.83
CA SER A 208 18.19 4.99 13.23
C SER A 208 18.97 4.05 14.14
N LYS A 209 19.14 2.81 13.69
CA LYS A 209 19.86 1.80 14.46
C LYS A 209 21.20 1.46 13.82
N ASP A 210 21.58 2.25 12.82
CA ASP A 210 22.83 2.06 12.11
C ASP A 210 22.91 0.69 11.43
N ILE A 211 21.79 0.27 10.84
CA ILE A 211 21.73 -1.01 10.12
C ILE A 211 21.52 -0.68 8.64
N VAL A 212 22.32 -1.29 7.79
CA VAL A 212 22.23 -1.03 6.36
C VAL A 212 21.14 -1.85 5.67
N LEU A 213 20.34 -1.17 4.85
CA LEU A 213 19.29 -1.84 4.11
C LEU A 213 19.92 -2.19 2.76
N VAL A 214 19.92 -3.48 2.43
CA VAL A 214 20.45 -3.96 1.15
C VAL A 214 19.25 -4.37 0.31
N ALA A 215 19.15 -3.80 -0.88
CA ALA A 215 18.03 -4.05 -1.78
C ALA A 215 18.18 -5.19 -2.76
N TYR A 216 17.24 -6.13 -2.75
CA TYR A 216 17.25 -7.20 -3.73
C TYR A 216 16.02 -7.01 -4.63
N SER A 217 16.07 -7.57 -5.83
CA SER A 217 15.00 -7.40 -6.82
C SER A 217 14.88 -5.89 -7.08
N ALA A 218 16.00 -5.21 -6.93
CA ALA A 218 16.06 -3.77 -7.14
C ALA A 218 15.80 -3.40 -8.60
N LEU A 219 15.87 -4.37 -9.51
CA LEU A 219 15.62 -4.10 -10.92
C LEU A 219 14.28 -4.69 -11.34
N GLY A 220 13.46 -5.07 -10.36
CA GLY A 220 12.14 -5.61 -10.65
C GLY A 220 11.99 -7.12 -10.67
N SER A 221 13.02 -7.85 -10.25
CA SER A 221 12.99 -9.31 -10.21
C SER A 221 13.15 -9.99 -11.58
N GLN A 222 13.38 -11.30 -11.55
CA GLN A 222 13.55 -12.07 -12.77
C GLN A 222 12.20 -12.48 -13.35
N ARG A 223 11.12 -12.12 -12.65
CA ARG A 223 9.75 -12.40 -13.07
C ARG A 223 9.51 -13.81 -13.61
N ASP A 224 9.77 -14.81 -12.79
CA ASP A 224 9.53 -16.18 -13.21
C ASP A 224 8.06 -16.45 -13.02
N LYS A 225 7.42 -17.02 -14.03
CA LYS A 225 5.99 -17.31 -13.96
C LYS A 225 5.60 -18.27 -12.85
N ARG A 226 6.60 -18.85 -12.19
CA ARG A 226 6.34 -19.79 -11.11
C ARG A 226 6.15 -19.09 -9.76
N TRP A 227 6.61 -17.85 -9.65
CA TRP A 227 6.49 -17.11 -8.39
C TRP A 227 6.09 -15.65 -8.57
N VAL A 228 6.08 -15.17 -9.81
CA VAL A 228 5.74 -13.78 -10.08
C VAL A 228 4.55 -13.64 -11.03
N ASP A 229 3.50 -12.98 -10.56
CA ASP A 229 2.30 -12.76 -11.34
C ASP A 229 2.64 -12.04 -12.63
N PRO A 230 2.34 -12.64 -13.78
CA PRO A 230 2.63 -12.01 -15.07
C PRO A 230 1.88 -10.68 -15.24
N ASN A 231 0.84 -10.51 -14.44
CA ASN A 231 0.03 -9.30 -14.51
C ASN A 231 0.63 -8.20 -13.65
N SER A 232 1.61 -8.56 -12.81
CA SER A 232 2.26 -7.56 -11.97
C SER A 232 2.96 -6.59 -12.93
N PRO A 233 2.97 -5.30 -12.58
CA PRO A 233 3.62 -4.30 -13.44
C PRO A 233 5.11 -4.54 -13.64
N VAL A 234 5.56 -4.43 -14.88
CA VAL A 234 6.97 -4.61 -15.22
C VAL A 234 7.73 -3.35 -14.82
N LEU A 235 8.53 -3.45 -13.75
CA LEU A 235 9.28 -2.30 -13.26
C LEU A 235 10.09 -1.51 -14.28
N LEU A 236 10.93 -2.20 -15.06
CA LEU A 236 11.77 -1.53 -16.04
C LEU A 236 11.01 -0.90 -17.20
N GLU A 237 9.70 -1.04 -17.21
CA GLU A 237 8.85 -0.47 -18.25
C GLU A 237 8.02 0.67 -17.67
N ASP A 238 8.37 1.10 -16.46
CA ASP A 238 7.65 2.18 -15.81
C ASP A 238 7.89 3.49 -16.56
N PRO A 239 6.80 4.18 -16.95
CA PRO A 239 6.87 5.45 -17.68
C PRO A 239 7.80 6.47 -17.05
N VAL A 240 7.72 6.61 -15.73
CA VAL A 240 8.58 7.56 -15.03
C VAL A 240 10.05 7.17 -15.09
N LEU A 241 10.33 5.88 -14.89
CA LEU A 241 11.70 5.40 -14.92
C LEU A 241 12.26 5.53 -16.33
N CYS A 242 11.43 5.23 -17.32
CA CYS A 242 11.85 5.32 -18.71
C CYS A 242 12.08 6.77 -19.12
N ALA A 243 11.25 7.67 -18.60
CA ALA A 243 11.37 9.09 -18.91
C ALA A 243 12.70 9.62 -18.34
N LEU A 244 13.01 9.20 -17.12
CA LEU A 244 14.25 9.63 -16.48
C LEU A 244 15.47 9.03 -17.18
N ALA A 245 15.30 7.84 -17.75
CA ALA A 245 16.37 7.16 -18.46
C ALA A 245 16.73 7.94 -19.72
N LYS A 246 15.71 8.31 -20.48
CA LYS A 246 15.91 9.07 -21.72
C LYS A 246 16.44 10.48 -21.42
N LYS A 247 16.06 11.01 -20.28
CA LYS A 247 16.49 12.34 -19.87
C LYS A 247 17.96 12.36 -19.45
N HIS A 248 18.37 11.31 -18.73
CA HIS A 248 19.75 11.21 -18.25
C HIS A 248 20.64 10.46 -19.23
N LYS A 249 20.03 9.92 -20.28
CA LYS A 249 20.77 9.17 -21.28
C LYS A 249 21.36 7.90 -20.66
N ARG A 250 20.56 7.25 -19.83
CA ARG A 250 20.95 6.01 -19.17
C ARG A 250 19.84 5.01 -19.46
N THR A 251 19.68 4.02 -18.58
CA THR A 251 18.64 3.01 -18.78
C THR A 251 17.76 2.93 -17.53
N PRO A 252 16.54 2.39 -17.66
CA PRO A 252 15.67 2.31 -16.47
C PRO A 252 16.34 1.56 -15.31
N ALA A 253 17.08 0.50 -15.61
CA ALA A 253 17.79 -0.27 -14.59
C ALA A 253 18.76 0.62 -13.82
N LEU A 254 19.55 1.40 -14.57
CA LEU A 254 20.52 2.32 -13.98
C LEU A 254 19.84 3.38 -13.14
N ILE A 255 18.62 3.75 -13.54
CA ILE A 255 17.85 4.76 -12.80
C ILE A 255 17.39 4.17 -11.46
N ALA A 256 16.84 2.95 -11.53
CA ALA A 256 16.37 2.25 -10.34
C ALA A 256 17.51 2.00 -9.35
N LEU A 257 18.69 1.66 -9.88
CA LEU A 257 19.88 1.41 -9.06
C LEU A 257 20.39 2.71 -8.42
N ARG A 258 20.50 3.78 -9.21
CA ARG A 258 20.98 5.06 -8.69
C ARG A 258 20.06 5.60 -7.59
N TYR A 259 18.77 5.34 -7.75
CA TYR A 259 17.77 5.76 -6.78
C TYR A 259 18.16 5.23 -5.41
N GLN A 260 18.45 3.94 -5.32
CA GLN A 260 18.83 3.34 -4.05
C GLN A 260 20.13 3.93 -3.50
N LEU A 261 21.13 4.05 -4.36
CA LEU A 261 22.41 4.60 -3.93
C LEU A 261 22.25 5.99 -3.30
N GLN A 262 21.39 6.82 -3.88
CA GLN A 262 21.22 8.17 -3.36
C GLN A 262 20.37 8.27 -2.10
N ARG A 263 19.64 7.22 -1.75
CA ARG A 263 18.85 7.24 -0.53
C ARG A 263 19.54 6.43 0.57
N GLY A 264 20.82 6.10 0.34
CA GLY A 264 21.59 5.36 1.32
C GLY A 264 21.35 3.86 1.41
N VAL A 265 20.88 3.27 0.30
CA VAL A 265 20.60 1.85 0.25
C VAL A 265 21.65 1.13 -0.60
N VAL A 266 22.18 0.02 -0.10
CA VAL A 266 23.16 -0.76 -0.85
C VAL A 266 22.34 -1.54 -1.86
N VAL A 267 22.77 -1.55 -3.11
CA VAL A 267 21.98 -2.22 -4.13
C VAL A 267 22.61 -3.43 -4.80
N LEU A 268 21.82 -4.49 -4.90
CA LEU A 268 22.24 -5.73 -5.55
C LEU A 268 21.72 -5.66 -6.97
N ALA A 269 22.41 -6.31 -7.90
CA ALA A 269 21.98 -6.32 -9.29
C ALA A 269 22.39 -7.63 -9.94
N LYS A 270 21.40 -8.43 -10.33
CA LYS A 270 21.69 -9.70 -10.98
C LYS A 270 21.62 -9.55 -12.49
N SER A 271 22.57 -10.18 -13.18
CA SER A 271 22.59 -10.19 -14.64
C SER A 271 23.56 -11.26 -15.10
N TYR A 272 23.10 -12.11 -16.00
CA TYR A 272 23.94 -13.17 -16.56
C TYR A 272 24.26 -12.82 -18.01
N ASN A 273 24.23 -11.53 -18.31
CA ASN A 273 24.51 -11.01 -19.65
C ASN A 273 25.70 -10.08 -19.55
N GLU A 274 26.80 -10.40 -20.25
CA GLU A 274 28.01 -9.59 -20.17
C GLU A 274 27.86 -8.09 -20.41
N GLN A 275 27.07 -7.72 -21.41
CA GLN A 275 26.87 -6.30 -21.71
C GLN A 275 26.15 -5.59 -20.57
N ARG A 276 25.14 -6.24 -20.00
CA ARG A 276 24.39 -5.62 -18.92
C ARG A 276 25.19 -5.59 -17.62
N ILE A 277 26.03 -6.61 -17.41
CA ILE A 277 26.88 -6.64 -16.22
C ILE A 277 27.77 -5.40 -16.24
N ARG A 278 28.34 -5.13 -17.41
CA ARG A 278 29.23 -3.99 -17.60
C ARG A 278 28.50 -2.65 -17.53
N GLN A 279 27.24 -2.65 -17.96
CA GLN A 279 26.44 -1.42 -17.92
C GLN A 279 26.10 -1.06 -16.48
N ASN A 280 25.76 -2.07 -15.70
CA ASN A 280 25.38 -1.85 -14.31
C ASN A 280 26.43 -1.14 -13.44
N VAL A 281 27.71 -1.34 -13.69
CA VAL A 281 28.72 -0.65 -12.89
C VAL A 281 28.75 0.86 -13.22
N GLN A 282 28.08 1.26 -14.29
CA GLN A 282 28.04 2.67 -14.68
C GLN A 282 27.14 3.52 -13.79
N VAL A 283 26.50 2.88 -12.82
CA VAL A 283 25.61 3.57 -11.89
C VAL A 283 26.32 4.67 -11.10
N PHE A 284 27.65 4.63 -11.07
CA PHE A 284 28.45 5.62 -10.36
C PHE A 284 28.82 6.82 -11.25
N GLU A 285 28.48 6.73 -12.54
CA GLU A 285 28.81 7.77 -13.50
C GLU A 285 27.85 8.95 -13.62
N PHE A 286 26.70 8.86 -12.97
CA PHE A 286 25.73 9.95 -13.04
C PHE A 286 24.99 10.12 -11.73
N GLN A 287 24.22 11.20 -11.63
CA GLN A 287 23.47 11.49 -10.43
C GLN A 287 22.05 11.99 -10.74
N LEU A 288 21.10 11.61 -9.88
CA LEU A 288 19.72 12.02 -10.05
C LEU A 288 19.49 13.29 -9.24
N THR A 289 18.64 14.18 -9.73
CA THR A 289 18.36 15.41 -9.02
C THR A 289 17.43 15.13 -7.84
N ALA A 290 17.30 16.09 -6.93
CA ALA A 290 16.41 15.92 -5.78
C ALA A 290 14.98 15.74 -6.29
N GLU A 291 14.65 16.42 -7.38
CA GLU A 291 13.31 16.33 -7.96
C GLU A 291 13.10 14.97 -8.61
N ASP A 292 14.15 14.42 -9.19
CA ASP A 292 14.09 13.11 -9.83
C ASP A 292 13.76 12.09 -8.75
N MET A 293 14.42 12.22 -7.61
CA MET A 293 14.24 11.31 -6.49
C MET A 293 12.81 11.35 -5.94
N LYS A 294 12.25 12.54 -5.79
CA LYS A 294 10.87 12.68 -5.29
C LYS A 294 9.93 11.98 -6.24
N ALA A 295 10.17 12.17 -7.55
CA ALA A 295 9.35 11.56 -8.58
C ALA A 295 9.33 10.05 -8.44
N ILE A 296 10.51 9.46 -8.22
CA ILE A 296 10.59 8.00 -8.06
C ILE A 296 9.94 7.58 -6.74
N ASP A 297 10.05 8.41 -5.71
CA ASP A 297 9.46 8.13 -4.40
C ASP A 297 7.95 7.93 -4.49
N GLY A 298 7.32 8.60 -5.46
CA GLY A 298 5.88 8.49 -5.60
C GLY A 298 5.40 7.26 -6.35
N LEU A 299 6.32 6.41 -6.78
CA LEU A 299 5.96 5.22 -7.54
C LEU A 299 5.55 4.03 -6.68
N ASP A 300 5.79 4.12 -5.38
CA ASP A 300 5.47 3.03 -4.46
C ASP A 300 4.03 2.51 -4.48
N ARG A 301 3.88 1.20 -4.61
CA ARG A 301 2.56 0.57 -4.60
C ARG A 301 2.55 -0.68 -3.74
N ASN A 302 3.48 -0.75 -2.78
CA ASN A 302 3.61 -1.87 -1.87
C ASN A 302 3.51 -3.19 -2.61
N LEU A 303 4.25 -3.30 -3.70
CA LEU A 303 4.23 -4.49 -4.52
C LEU A 303 5.43 -5.42 -4.29
N HIS A 304 5.16 -6.61 -3.79
CA HIS A 304 6.21 -7.62 -3.56
C HIS A 304 6.13 -8.55 -4.76
N TYR A 305 7.21 -8.64 -5.53
CA TYR A 305 7.20 -9.49 -6.71
C TYR A 305 7.07 -10.98 -6.44
N PHE A 306 7.78 -11.49 -5.43
CA PHE A 306 7.70 -12.91 -5.13
C PHE A 306 6.41 -13.27 -4.42
N ASN A 307 5.71 -14.28 -4.93
CA ASN A 307 4.46 -14.74 -4.34
C ASN A 307 4.77 -15.60 -3.12
N SER A 308 4.72 -14.99 -1.95
CA SER A 308 5.00 -15.69 -0.69
C SER A 308 3.71 -16.08 0.02
N ASP A 309 2.61 -16.12 -0.74
CA ASP A 309 1.31 -16.47 -0.19
C ASP A 309 1.27 -17.79 0.57
N SER A 310 2.07 -18.75 0.13
CA SER A 310 2.13 -20.07 0.77
C SER A 310 2.69 -20.02 2.19
N PHE A 311 3.37 -18.93 2.54
CA PHE A 311 3.96 -18.76 3.87
C PHE A 311 3.16 -17.80 4.75
N ALA A 312 2.07 -17.26 4.19
CA ALA A 312 1.23 -16.32 4.91
C ALA A 312 0.83 -16.83 6.30
N SER A 313 0.75 -18.15 6.46
CA SER A 313 0.35 -18.74 7.74
C SER A 313 1.51 -18.95 8.72
N HIS A 314 2.74 -18.70 8.26
CA HIS A 314 3.89 -18.86 9.14
C HIS A 314 3.90 -17.79 10.21
N PRO A 315 4.13 -18.18 11.47
CA PRO A 315 4.16 -17.21 12.58
C PRO A 315 5.20 -16.11 12.37
N ASN A 316 6.19 -16.37 11.51
CA ASN A 316 7.23 -15.38 11.26
C ASN A 316 7.09 -14.68 9.91
N TYR A 317 5.94 -14.87 9.26
CA TYR A 317 5.66 -14.22 7.98
C TYR A 317 5.93 -12.74 8.27
N PRO A 318 6.90 -12.15 7.55
CA PRO A 318 7.23 -10.74 7.78
C PRO A 318 6.31 -9.65 7.23
N TYR A 319 5.48 -10.02 6.26
CA TYR A 319 4.59 -9.04 5.61
C TYR A 319 3.26 -8.74 6.28
N SER A 320 3.08 -9.17 7.52
CA SER A 320 1.83 -8.89 8.23
C SER A 320 1.87 -7.46 8.78
N ASP A 321 3.05 -7.05 9.24
CA ASP A 321 3.26 -5.71 9.79
C ASP A 321 3.17 -4.65 8.69
N GLU A 322 2.96 -3.40 9.09
CA GLU A 322 2.90 -2.31 8.12
C GLU A 322 4.31 -2.22 7.54
N TYR A 323 5.29 -2.59 8.37
CA TYR A 323 6.70 -2.61 8.00
C TYR A 323 7.50 -3.19 9.16
N GLN B 5 -11.21 25.50 -6.35
CA GLN B 5 -11.80 24.54 -5.38
C GLN B 5 -12.00 25.26 -4.04
N GLN B 6 -13.16 25.08 -3.43
CA GLN B 6 -13.46 25.72 -2.15
C GLN B 6 -13.72 24.72 -1.03
N CYS B 7 -13.86 25.24 0.19
CA CYS B 7 -14.12 24.43 1.38
C CYS B 7 -15.30 24.99 2.15
N VAL B 8 -15.86 24.16 3.01
CA VAL B 8 -16.98 24.58 3.84
C VAL B 8 -16.61 24.29 5.29
N LYS B 9 -16.87 25.25 6.18
CA LYS B 9 -16.58 25.09 7.58
C LYS B 9 -17.60 24.17 8.23
N LEU B 10 -17.13 23.13 8.90
CA LEU B 10 -17.99 22.17 9.56
C LEU B 10 -18.28 22.68 10.97
N ASN B 11 -19.35 22.17 11.58
CA ASN B 11 -19.71 22.61 12.93
C ASN B 11 -18.60 22.22 13.90
N ASP B 12 -17.59 21.58 13.33
CA ASP B 12 -16.40 21.08 14.00
C ASP B 12 -15.32 22.16 14.06
N GLY B 13 -15.33 23.03 13.07
CA GLY B 13 -14.31 24.06 12.99
C GLY B 13 -13.34 23.62 11.91
N HIS B 14 -13.43 22.36 11.51
CA HIS B 14 -12.57 21.81 10.47
C HIS B 14 -13.18 22.21 9.13
N PHE B 15 -12.38 22.13 8.07
CA PHE B 15 -12.85 22.49 6.74
C PHE B 15 -12.91 21.30 5.80
N MET B 16 -13.98 21.22 5.03
CA MET B 16 -14.18 20.13 4.09
C MET B 16 -14.23 20.65 2.66
N PRO B 17 -13.36 20.13 1.78
CA PRO B 17 -13.40 20.60 0.39
C PRO B 17 -14.78 20.27 -0.21
N VAL B 18 -15.40 21.24 -0.88
CA VAL B 18 -16.73 21.04 -1.43
C VAL B 18 -16.85 20.04 -2.58
N LEU B 19 -15.71 19.69 -3.18
CA LEU B 19 -15.69 18.72 -4.27
C LEU B 19 -14.89 17.49 -3.81
N GLY B 20 -15.53 16.33 -3.84
CA GLY B 20 -14.85 15.11 -3.41
C GLY B 20 -14.77 14.04 -4.48
N PHE B 21 -13.78 13.17 -4.35
CA PHE B 21 -13.60 12.08 -5.30
C PHE B 21 -14.15 10.78 -4.74
N GLY B 22 -15.08 10.17 -5.48
CA GLY B 22 -15.67 8.90 -5.08
C GLY B 22 -14.79 7.76 -5.55
N THR B 23 -14.41 6.88 -4.63
CA THR B 23 -13.51 5.77 -5.00
C THR B 23 -14.11 4.38 -5.20
N TYR B 24 -15.41 4.23 -5.03
CA TYR B 24 -15.96 2.91 -5.20
C TYR B 24 -16.00 2.37 -6.63
N ALA B 25 -15.56 1.13 -6.79
CA ALA B 25 -15.55 0.43 -8.06
C ALA B 25 -15.98 -1.01 -7.76
N PRO B 26 -16.81 -1.61 -8.62
CA PRO B 26 -17.24 -2.99 -8.37
C PRO B 26 -16.06 -3.95 -8.25
N PRO B 27 -16.28 -5.14 -7.66
CA PRO B 27 -15.24 -6.15 -7.47
C PRO B 27 -14.49 -6.57 -8.74
N GLU B 28 -15.18 -6.56 -9.88
CA GLU B 28 -14.58 -6.94 -11.15
C GLU B 28 -13.48 -5.97 -11.60
N VAL B 29 -13.35 -4.84 -10.93
CA VAL B 29 -12.32 -3.87 -11.28
C VAL B 29 -11.07 -4.17 -10.46
N PRO B 30 -9.92 -4.33 -11.14
CA PRO B 30 -8.67 -4.62 -10.43
C PRO B 30 -8.41 -3.56 -9.38
N ARG B 31 -8.02 -3.99 -8.18
CA ARG B 31 -7.77 -3.05 -7.10
C ARG B 31 -6.64 -2.08 -7.42
N SER B 32 -5.79 -2.43 -8.37
CA SER B 32 -4.69 -1.54 -8.74
C SER B 32 -5.24 -0.25 -9.35
N LYS B 33 -6.43 -0.32 -9.92
CA LYS B 33 -7.07 0.84 -10.54
C LYS B 33 -7.30 1.98 -9.55
N ALA B 34 -7.74 1.64 -8.34
CA ALA B 34 -7.99 2.64 -7.31
C ALA B 34 -6.74 3.48 -7.00
N LEU B 35 -5.57 2.85 -7.00
CA LEU B 35 -4.35 3.60 -6.73
C LEU B 35 -4.08 4.56 -7.90
N GLU B 36 -4.22 4.04 -9.10
CA GLU B 36 -4.01 4.82 -10.32
C GLU B 36 -4.94 6.02 -10.45
N VAL B 37 -6.25 5.79 -10.36
CA VAL B 37 -7.20 6.90 -10.50
C VAL B 37 -7.20 7.90 -9.35
N THR B 38 -6.90 7.47 -8.13
CA THR B 38 -6.86 8.40 -7.01
C THR B 38 -5.69 9.36 -7.19
N LYS B 39 -4.55 8.86 -7.67
CA LYS B 39 -3.41 9.74 -7.90
C LYS B 39 -3.79 10.73 -9.01
N LEU B 40 -4.48 10.24 -10.04
CA LEU B 40 -4.92 11.07 -11.16
C LEU B 40 -5.86 12.15 -10.65
N ALA B 41 -6.74 11.78 -9.73
CA ALA B 41 -7.70 12.71 -9.13
C ALA B 41 -6.98 13.83 -8.37
N ILE B 42 -6.01 13.47 -7.56
CA ILE B 42 -5.26 14.47 -6.81
C ILE B 42 -4.49 15.37 -7.78
N GLU B 43 -3.93 14.76 -8.82
CA GLU B 43 -3.18 15.49 -9.82
C GLU B 43 -4.06 16.53 -10.52
N ALA B 44 -5.32 16.17 -10.76
CA ALA B 44 -6.25 17.09 -11.41
C ALA B 44 -6.72 18.21 -10.49
N GLY B 45 -6.69 17.99 -9.18
CA GLY B 45 -7.13 19.03 -8.27
C GLY B 45 -8.04 18.61 -7.14
N PHE B 46 -8.45 17.34 -7.13
CA PHE B 46 -9.32 16.84 -6.06
C PHE B 46 -8.51 16.80 -4.76
N ARG B 47 -9.11 17.28 -3.67
CA ARG B 47 -8.44 17.29 -2.38
C ARG B 47 -9.28 16.58 -1.31
N HIS B 48 -10.45 16.12 -1.72
CA HIS B 48 -11.40 15.42 -0.86
C HIS B 48 -11.54 14.02 -1.45
N ILE B 49 -11.18 13.00 -0.68
CA ILE B 49 -11.25 11.61 -1.15
C ILE B 49 -12.18 10.79 -0.27
N ASP B 50 -13.16 10.15 -0.90
CA ASP B 50 -14.15 9.33 -0.20
C ASP B 50 -13.94 7.83 -0.33
N SER B 51 -13.64 7.18 0.79
CA SER B 51 -13.45 5.74 0.80
C SER B 51 -14.31 5.11 1.90
N ALA B 52 -14.11 3.82 2.16
CA ALA B 52 -14.86 3.10 3.18
C ALA B 52 -14.35 1.66 3.28
N HIS B 53 -14.51 1.07 4.45
CA HIS B 53 -14.08 -0.31 4.67
C HIS B 53 -14.75 -1.23 3.63
N LEU B 54 -16.03 -0.98 3.37
CA LEU B 54 -16.78 -1.78 2.42
C LEU B 54 -16.22 -1.79 0.99
N TYR B 55 -15.52 -0.73 0.61
CA TYR B 55 -14.98 -0.62 -0.74
C TYR B 55 -13.80 -1.53 -1.07
N ASN B 56 -13.15 -2.05 -0.03
CA ASN B 56 -12.00 -2.93 -0.23
C ASN B 56 -10.96 -2.25 -1.12
N ASN B 57 -10.62 -1.01 -0.80
CA ASN B 57 -9.65 -0.25 -1.58
C ASN B 57 -8.83 0.73 -0.73
N GLU B 58 -8.99 0.65 0.59
CA GLU B 58 -8.27 1.56 1.47
C GLU B 58 -6.76 1.47 1.33
N GLU B 59 -6.24 0.28 1.04
CA GLU B 59 -4.80 0.11 0.87
C GLU B 59 -4.32 0.96 -0.32
N GLN B 60 -5.00 0.79 -1.46
CA GLN B 60 -4.67 1.50 -2.69
C GLN B 60 -4.92 3.02 -2.58
N VAL B 61 -6.05 3.41 -2.00
CA VAL B 61 -6.35 4.83 -1.85
C VAL B 61 -5.30 5.48 -0.93
N GLY B 62 -4.95 4.78 0.15
CA GLY B 62 -3.96 5.30 1.07
C GLY B 62 -2.60 5.43 0.38
N LEU B 63 -2.28 4.47 -0.48
CA LEU B 63 -1.01 4.50 -1.21
C LEU B 63 -0.98 5.70 -2.16
N ALA B 64 -2.11 5.96 -2.82
CA ALA B 64 -2.22 7.09 -3.74
C ALA B 64 -1.97 8.41 -3.01
N ILE B 65 -2.51 8.53 -1.80
CA ILE B 65 -2.32 9.74 -1.00
C ILE B 65 -0.85 9.86 -0.59
N ARG B 66 -0.27 8.73 -0.16
CA ARG B 66 1.14 8.72 0.27
C ARG B 66 2.08 9.10 -0.88
N SER B 67 1.79 8.60 -2.09
CA SER B 67 2.62 8.91 -3.25
C SER B 67 2.59 10.38 -3.62
N LYS B 68 1.42 11.02 -3.52
CA LYS B 68 1.31 12.43 -3.87
C LYS B 68 2.00 13.31 -2.84
N ILE B 69 2.12 12.80 -1.61
CA ILE B 69 2.79 13.53 -0.56
C ILE B 69 4.30 13.29 -0.75
N ALA B 70 4.64 12.04 -1.06
CA ALA B 70 6.03 11.65 -1.28
C ALA B 70 6.66 12.41 -2.46
N ASP B 71 5.93 12.55 -3.56
CA ASP B 71 6.47 13.26 -4.72
C ASP B 71 6.43 14.78 -4.57
N GLY B 72 5.97 15.24 -3.41
CA GLY B 72 5.92 16.66 -3.13
C GLY B 72 4.73 17.45 -3.66
N SER B 73 3.78 16.76 -4.28
CA SER B 73 2.61 17.44 -4.84
C SER B 73 1.72 18.09 -3.78
N VAL B 74 1.46 17.36 -2.69
CA VAL B 74 0.61 17.86 -1.62
C VAL B 74 1.13 17.46 -0.25
N LYS B 75 0.56 18.08 0.77
CA LYS B 75 0.90 17.77 2.15
C LYS B 75 -0.29 17.00 2.73
N ARG B 76 -0.05 16.22 3.79
CA ARG B 76 -1.13 15.45 4.40
C ARG B 76 -2.29 16.36 4.80
N GLU B 77 -1.96 17.55 5.31
CA GLU B 77 -2.97 18.51 5.74
C GLU B 77 -3.79 19.08 4.58
N ASP B 78 -3.31 18.89 3.35
CA ASP B 78 -4.02 19.40 2.17
C ASP B 78 -5.06 18.42 1.69
N ILE B 79 -4.99 17.19 2.21
CA ILE B 79 -5.92 16.15 1.80
C ILE B 79 -6.98 15.90 2.86
N PHE B 80 -8.22 15.76 2.41
CA PHE B 80 -9.34 15.47 3.30
C PHE B 80 -9.74 14.05 2.95
N TYR B 81 -9.37 13.11 3.82
CA TYR B 81 -9.69 11.71 3.58
C TYR B 81 -10.78 11.18 4.50
N THR B 82 -11.76 10.52 3.91
CA THR B 82 -12.82 9.95 4.73
C THR B 82 -13.00 8.45 4.52
N SER B 83 -13.26 7.76 5.63
CA SER B 83 -13.53 6.34 5.60
C SER B 83 -14.86 6.21 6.32
N LYS B 84 -15.42 5.00 6.33
CA LYS B 84 -16.69 4.78 6.98
C LYS B 84 -16.69 3.45 7.73
N LEU B 85 -17.40 3.46 8.86
CA LEU B 85 -17.56 2.28 9.70
C LEU B 85 -18.66 1.42 9.11
N TRP B 86 -18.33 0.18 8.73
CA TRP B 86 -19.33 -0.71 8.15
C TRP B 86 -20.35 -1.18 9.21
N SER B 87 -21.53 -1.56 8.74
CA SER B 87 -22.64 -1.98 9.60
C SER B 87 -22.48 -3.21 10.47
N THR B 88 -21.41 -3.97 10.27
CA THR B 88 -21.16 -5.16 11.07
C THR B 88 -20.31 -4.75 12.27
N PHE B 89 -19.97 -3.46 12.35
CA PHE B 89 -19.14 -2.93 13.42
C PHE B 89 -19.81 -1.84 14.26
N HIS B 90 -21.14 -1.85 14.31
CA HIS B 90 -21.87 -0.84 15.07
C HIS B 90 -21.73 -0.98 16.58
N ARG B 91 -21.62 -2.20 17.09
CA ARG B 91 -21.46 -2.41 18.52
C ARG B 91 -20.26 -1.56 18.96
N PRO B 92 -20.46 -0.67 19.95
CA PRO B 92 -19.45 0.25 20.48
C PRO B 92 -18.02 -0.25 20.65
N GLU B 93 -17.87 -1.49 21.08
CA GLU B 93 -16.53 -2.07 21.28
C GLU B 93 -15.82 -2.40 19.97
N LEU B 94 -16.58 -2.44 18.88
CA LEU B 94 -16.02 -2.75 17.57
C LEU B 94 -15.64 -1.50 16.76
N VAL B 95 -16.08 -0.34 17.24
CA VAL B 95 -15.82 0.92 16.54
C VAL B 95 -14.37 1.35 16.39
N ARG B 96 -13.70 1.64 17.49
CA ARG B 96 -12.30 2.07 17.43
C ARG B 96 -11.41 1.08 16.70
N PRO B 97 -11.52 -0.22 17.02
CA PRO B 97 -10.68 -1.19 16.31
C PRO B 97 -10.90 -1.14 14.81
N ALA B 98 -12.15 -0.98 14.38
CA ALA B 98 -12.46 -0.92 12.95
C ALA B 98 -11.76 0.28 12.31
N LEU B 99 -11.73 1.41 13.02
CA LEU B 99 -11.10 2.61 12.50
C LEU B 99 -9.59 2.41 12.43
N GLU B 100 -9.03 1.82 13.49
CA GLU B 100 -7.60 1.56 13.53
C GLU B 100 -7.20 0.60 12.42
N ASN B 101 -8.07 -0.35 12.09
CA ASN B 101 -7.75 -1.28 11.01
C ASN B 101 -7.78 -0.52 9.67
N SER B 102 -8.70 0.42 9.56
CA SER B 102 -8.81 1.24 8.34
C SER B 102 -7.56 2.10 8.17
N LEU B 103 -7.09 2.68 9.27
CA LEU B 103 -5.90 3.53 9.27
C LEU B 103 -4.65 2.70 8.93
N LYS B 104 -4.63 1.47 9.43
CA LYS B 104 -3.51 0.57 9.19
C LYS B 104 -3.42 0.22 7.71
N LYS B 105 -4.57 -0.13 7.13
CA LYS B 105 -4.63 -0.47 5.72
C LYS B 105 -4.15 0.69 4.84
N ALA B 106 -4.62 1.90 5.15
CA ALA B 106 -4.27 3.09 4.37
C ALA B 106 -2.93 3.72 4.74
N GLN B 107 -2.33 3.24 5.82
CA GLN B 107 -1.05 3.78 6.31
C GLN B 107 -1.17 5.26 6.64
N LEU B 108 -2.27 5.64 7.29
CA LEU B 108 -2.47 7.04 7.69
C LEU B 108 -2.62 7.11 9.21
N ASP B 109 -2.20 8.23 9.79
CA ASP B 109 -2.27 8.42 11.23
C ASP B 109 -3.68 8.79 11.68
N TYR B 110 -4.41 9.44 10.79
CA TYR B 110 -5.76 9.84 11.10
C TYR B 110 -6.60 9.96 9.83
N VAL B 111 -7.90 9.98 10.02
CA VAL B 111 -8.84 10.13 8.92
C VAL B 111 -9.43 11.51 9.20
N ASP B 112 -9.71 12.28 8.15
CA ASP B 112 -10.27 13.61 8.34
C ASP B 112 -11.73 13.50 8.73
N LEU B 113 -12.37 12.42 8.28
CA LEU B 113 -13.77 12.20 8.57
C LEU B 113 -14.11 10.73 8.66
N TYR B 114 -14.78 10.34 9.73
CA TYR B 114 -15.20 8.95 9.91
C TYR B 114 -16.72 8.95 10.04
N LEU B 115 -17.38 8.17 9.20
CA LEU B 115 -18.83 8.10 9.19
C LEU B 115 -19.42 6.75 9.52
N ILE B 116 -20.64 6.78 10.05
CA ILE B 116 -21.38 5.55 10.30
C ILE B 116 -21.94 5.37 8.89
N HIS B 117 -21.49 4.33 8.19
CA HIS B 117 -21.90 4.09 6.80
C HIS B 117 -23.41 3.99 6.58
N SER B 118 -24.11 3.39 7.53
CA SER B 118 -25.55 3.22 7.39
C SER B 118 -26.14 2.96 8.77
N PRO B 119 -27.42 3.33 8.97
CA PRO B 119 -28.02 3.09 10.28
C PRO B 119 -28.50 1.64 10.45
N MET B 120 -28.45 0.86 9.38
CA MET B 120 -28.92 -0.53 9.42
C MET B 120 -27.89 -1.58 9.85
N SER B 121 -27.77 -1.74 11.16
CA SER B 121 -26.83 -2.70 11.76
C SER B 121 -26.98 -4.15 11.27
N LEU B 122 -25.85 -4.83 11.13
CA LEU B 122 -25.85 -6.22 10.69
C LEU B 122 -25.07 -7.05 11.70
N LYS B 123 -25.22 -8.37 11.64
CA LYS B 123 -24.53 -9.26 12.56
C LYS B 123 -23.01 -9.09 12.49
N PRO B 124 -22.36 -8.91 13.65
CA PRO B 124 -20.91 -8.75 13.63
C PRO B 124 -20.23 -10.05 13.22
N GLY B 125 -19.07 -9.93 12.57
CA GLY B 125 -18.36 -11.11 12.11
C GLY B 125 -17.36 -10.80 11.00
N GLU B 126 -17.05 -11.83 10.22
CA GLU B 126 -16.10 -11.71 9.11
C GLU B 126 -16.75 -11.18 7.83
N GLU B 127 -17.92 -11.72 7.49
CA GLU B 127 -18.64 -11.33 6.28
C GLU B 127 -19.19 -9.91 6.35
N LEU B 128 -19.10 -9.20 5.22
CA LEU B 128 -19.61 -7.84 5.14
C LEU B 128 -21.14 -7.93 5.16
N SER B 129 -21.66 -8.99 4.54
CA SER B 129 -23.08 -9.23 4.46
C SER B 129 -23.41 -10.63 4.99
N PRO B 130 -23.51 -10.77 6.32
CA PRO B 130 -23.82 -12.09 6.90
C PRO B 130 -25.21 -12.57 6.48
N THR B 131 -25.30 -13.82 6.02
CA THR B 131 -26.57 -14.39 5.58
C THR B 131 -26.87 -15.70 6.29
N ASP B 132 -28.15 -15.90 6.63
CA ASP B 132 -28.57 -17.12 7.32
C ASP B 132 -28.60 -18.33 6.40
N GLU B 133 -29.16 -19.43 6.92
CA GLU B 133 -29.26 -20.69 6.18
C GLU B 133 -30.02 -20.56 4.87
N ASN B 134 -31.01 -19.67 4.85
CA ASN B 134 -31.80 -19.47 3.64
C ASN B 134 -31.10 -18.51 2.68
N GLY B 135 -30.03 -17.88 3.16
CA GLY B 135 -29.28 -16.95 2.33
C GLY B 135 -29.72 -15.52 2.54
N LYS B 136 -30.56 -15.29 3.54
CA LYS B 136 -31.05 -13.97 3.86
C LYS B 136 -30.07 -13.23 4.78
N VAL B 137 -29.87 -11.94 4.53
CA VAL B 137 -28.96 -11.16 5.35
C VAL B 137 -29.45 -11.07 6.80
N ILE B 138 -28.52 -11.16 7.74
CA ILE B 138 -28.84 -11.12 9.16
C ILE B 138 -28.68 -9.75 9.80
N PHE B 139 -29.78 -9.19 10.28
CA PHE B 139 -29.78 -7.87 10.92
C PHE B 139 -29.28 -7.98 12.36
N ASP B 140 -28.99 -6.84 12.97
CA ASP B 140 -28.53 -6.79 14.34
C ASP B 140 -29.18 -5.59 15.00
N ILE B 141 -29.57 -5.73 16.26
CA ILE B 141 -30.20 -4.64 16.99
C ILE B 141 -29.15 -3.88 17.78
N VAL B 142 -28.87 -2.65 17.39
CA VAL B 142 -27.89 -1.83 18.09
C VAL B 142 -28.37 -0.41 18.31
N ASP B 143 -28.14 0.09 19.51
CA ASP B 143 -28.50 1.45 19.88
C ASP B 143 -27.42 2.37 19.26
N LEU B 144 -27.74 3.00 18.13
CA LEU B 144 -26.80 3.88 17.44
C LEU B 144 -26.26 5.02 18.30
N CYS B 145 -26.88 5.28 19.44
CA CYS B 145 -26.40 6.33 20.33
C CYS B 145 -25.13 5.86 21.04
N THR B 146 -25.02 4.55 21.25
CA THR B 146 -23.83 3.98 21.88
C THR B 146 -22.75 3.94 20.80
N THR B 147 -23.17 3.68 19.56
CA THR B 147 -22.23 3.64 18.45
C THR B 147 -21.65 5.05 18.31
N TRP B 148 -22.49 6.05 18.41
CA TRP B 148 -22.04 7.43 18.30
C TRP B 148 -21.06 7.81 19.41
N GLU B 149 -21.30 7.33 20.62
CA GLU B 149 -20.42 7.64 21.75
C GLU B 149 -19.02 7.07 21.47
N ALA B 150 -18.99 5.90 20.84
CA ALA B 150 -17.74 5.25 20.48
C ALA B 150 -17.04 6.10 19.41
N MET B 151 -17.84 6.67 18.51
CA MET B 151 -17.31 7.52 17.44
C MET B 151 -16.69 8.77 18.06
N GLU B 152 -17.35 9.32 19.07
CA GLU B 152 -16.85 10.51 19.75
C GLU B 152 -15.50 10.23 20.42
N LYS B 153 -15.35 9.01 20.92
CA LYS B 153 -14.10 8.59 21.56
C LYS B 153 -12.96 8.65 20.55
N CYS B 154 -13.24 8.20 19.33
CA CYS B 154 -12.25 8.20 18.26
C CYS B 154 -11.80 9.60 17.91
N LYS B 155 -12.73 10.54 17.93
CA LYS B 155 -12.40 11.93 17.64
C LYS B 155 -11.57 12.50 18.79
N ASP B 156 -11.89 12.07 20.01
CA ASP B 156 -11.16 12.55 21.18
C ASP B 156 -9.75 11.99 21.16
N ALA B 157 -9.60 10.78 20.63
CA ALA B 157 -8.31 10.12 20.54
C ALA B 157 -7.46 10.67 19.39
N GLY B 158 -8.07 11.48 18.52
CA GLY B 158 -7.35 12.08 17.41
C GLY B 158 -7.28 11.21 16.16
N LEU B 159 -7.93 10.05 16.21
CA LEU B 159 -7.95 9.12 15.10
C LEU B 159 -8.82 9.61 13.95
N ALA B 160 -9.75 10.51 14.28
CA ALA B 160 -10.65 11.11 13.31
C ALA B 160 -10.83 12.59 13.68
N LYS B 161 -10.52 13.46 12.73
CA LYS B 161 -10.63 14.90 12.95
C LYS B 161 -12.11 15.28 13.12
N SER B 162 -12.96 14.67 12.30
CA SER B 162 -14.40 14.91 12.34
C SER B 162 -15.19 13.60 12.21
N ILE B 163 -16.41 13.59 12.73
CA ILE B 163 -17.26 12.41 12.65
C ILE B 163 -18.64 12.81 12.11
N GLY B 164 -19.23 11.92 11.30
CA GLY B 164 -20.54 12.19 10.73
C GLY B 164 -21.27 10.89 10.45
N VAL B 165 -22.36 10.97 9.70
CA VAL B 165 -23.14 9.78 9.38
C VAL B 165 -23.48 9.76 7.90
N SER B 166 -24.13 8.68 7.48
CA SER B 166 -24.53 8.51 6.09
C SER B 166 -25.82 7.67 6.03
N ASN B 167 -26.69 8.03 5.09
CA ASN B 167 -27.96 7.33 4.87
C ASN B 167 -28.92 7.43 6.08
N PHE B 168 -28.79 8.48 6.87
CA PHE B 168 -29.67 8.68 8.02
C PHE B 168 -30.83 9.58 7.61
N ASN B 169 -32.01 9.32 8.15
CA ASN B 169 -33.15 10.18 7.84
C ASN B 169 -33.32 11.14 9.01
N ARG B 170 -34.33 12.01 8.93
CA ARG B 170 -34.58 13.00 9.97
C ARG B 170 -34.65 12.43 11.39
N ARG B 171 -35.49 11.42 11.57
CA ARG B 171 -35.69 10.77 12.86
C ARG B 171 -34.39 10.25 13.44
N GLN B 172 -33.61 9.57 12.60
CA GLN B 172 -32.33 9.00 13.03
C GLN B 172 -31.32 10.09 13.40
N LEU B 173 -31.34 11.21 12.69
CA LEU B 173 -30.43 12.30 13.01
C LEU B 173 -30.86 12.86 14.36
N GLU B 174 -32.18 12.89 14.57
CA GLU B 174 -32.76 13.39 15.81
C GLU B 174 -32.27 12.57 17.00
N MET B 175 -32.20 11.26 16.82
CA MET B 175 -31.73 10.34 17.86
C MET B 175 -30.40 10.84 18.41
N ILE B 176 -29.44 11.03 17.52
CA ILE B 176 -28.11 11.49 17.87
C ILE B 176 -28.11 12.91 18.44
N LEU B 177 -28.77 13.82 17.73
CA LEU B 177 -28.83 15.21 18.14
C LEU B 177 -29.49 15.37 19.50
N ASN B 178 -30.47 14.53 19.78
CA ASN B 178 -31.19 14.60 21.05
C ASN B 178 -30.60 13.70 22.14
N LYS B 179 -29.50 13.02 21.82
CA LYS B 179 -28.86 12.14 22.78
C LYS B 179 -28.43 12.91 24.02
N PRO B 180 -28.80 12.41 25.20
CA PRO B 180 -28.40 13.11 26.43
C PRO B 180 -26.89 12.98 26.60
N GLY B 181 -26.22 14.10 26.87
CA GLY B 181 -24.78 14.06 27.05
C GLY B 181 -24.01 14.11 25.75
N LEU B 182 -24.69 14.42 24.65
CA LEU B 182 -24.05 14.51 23.34
C LEU B 182 -22.83 15.42 23.42
N LYS B 183 -21.72 14.98 22.84
CA LYS B 183 -20.50 15.78 22.85
C LYS B 183 -20.22 16.39 21.49
N TYR B 184 -20.42 15.58 20.45
CA TYR B 184 -20.18 16.04 19.08
C TYR B 184 -21.35 15.75 18.15
N LYS B 185 -21.85 16.78 17.49
CA LYS B 185 -22.94 16.61 16.55
C LYS B 185 -22.29 16.05 15.27
N PRO B 186 -23.05 15.27 14.48
CA PRO B 186 -22.42 14.76 13.26
C PRO B 186 -22.10 16.00 12.41
N VAL B 187 -20.97 16.00 11.70
CA VAL B 187 -20.64 17.16 10.87
C VAL B 187 -21.36 17.12 9.54
N CYS B 188 -21.82 15.94 9.16
CA CYS B 188 -22.50 15.77 7.88
C CYS B 188 -23.36 14.52 7.84
N ASN B 189 -24.16 14.44 6.79
CA ASN B 189 -25.01 13.29 6.52
C ASN B 189 -24.83 13.04 5.03
N GLN B 190 -24.11 11.98 4.69
CA GLN B 190 -23.86 11.64 3.29
C GLN B 190 -25.02 10.80 2.76
N VAL B 191 -25.74 11.34 1.78
CA VAL B 191 -26.90 10.66 1.22
C VAL B 191 -26.95 10.77 -0.31
N GLU B 192 -27.70 9.88 -0.95
CA GLU B 192 -27.86 9.93 -2.40
C GLU B 192 -28.58 11.24 -2.67
N CYS B 193 -28.02 12.07 -3.53
CA CYS B 193 -28.62 13.35 -3.84
C CYS B 193 -28.25 13.78 -5.27
N HIS B 194 -29.28 14.12 -6.04
CA HIS B 194 -29.10 14.54 -7.43
C HIS B 194 -30.41 15.22 -7.86
N PRO B 195 -30.43 15.82 -9.07
CA PRO B 195 -31.66 16.49 -9.54
C PRO B 195 -32.97 15.69 -9.53
N TYR B 196 -32.90 14.35 -9.56
CA TYR B 196 -34.11 13.53 -9.54
C TYR B 196 -34.54 13.17 -8.11
N PHE B 197 -33.70 13.53 -7.15
CA PHE B 197 -33.94 13.28 -5.72
C PHE B 197 -33.05 14.29 -5.02
N ASN B 198 -33.45 15.57 -5.06
CA ASN B 198 -32.63 16.64 -4.48
C ASN B 198 -32.68 16.89 -2.99
N ARG B 199 -33.42 16.07 -2.26
CA ARG B 199 -33.53 16.18 -0.80
C ARG B 199 -33.69 17.59 -0.26
N SER B 200 -34.51 18.42 -0.88
CA SER B 200 -34.69 19.79 -0.40
C SER B 200 -35.15 19.83 1.05
N LYS B 201 -36.01 18.89 1.46
CA LYS B 201 -36.51 18.85 2.83
C LYS B 201 -35.42 18.47 3.83
N LEU B 202 -34.70 17.38 3.56
CA LEU B 202 -33.61 16.95 4.43
C LEU B 202 -32.52 18.01 4.47
N LEU B 203 -32.25 18.61 3.31
CA LEU B 203 -31.24 19.66 3.20
C LEU B 203 -31.53 20.81 4.15
N ASP B 204 -32.78 21.27 4.16
CA ASP B 204 -33.18 22.36 5.04
C ASP B 204 -33.03 21.94 6.51
N PHE B 205 -33.41 20.71 6.80
CA PHE B 205 -33.29 20.20 8.16
C PHE B 205 -31.83 20.21 8.61
N CYS B 206 -30.97 19.66 7.76
CA CYS B 206 -29.54 19.63 8.09
C CYS B 206 -29.00 21.05 8.25
N LYS B 207 -29.45 21.97 7.38
CA LYS B 207 -29.02 23.37 7.45
C LYS B 207 -29.41 23.97 8.80
N SER B 208 -30.64 23.71 9.24
CA SER B 208 -31.11 24.25 10.52
C SER B 208 -30.35 23.69 11.72
N LYS B 209 -29.68 22.55 11.53
CA LYS B 209 -28.94 21.90 12.60
C LYS B 209 -27.41 22.04 12.48
N ASP B 210 -26.96 22.80 11.48
CA ASP B 210 -25.53 23.01 11.25
C ASP B 210 -24.85 21.71 10.80
N ILE B 211 -25.58 20.95 9.98
CA ILE B 211 -25.08 19.68 9.45
C ILE B 211 -25.01 19.83 7.94
N VAL B 212 -23.86 19.50 7.35
CA VAL B 212 -23.74 19.62 5.91
C VAL B 212 -24.22 18.35 5.23
N LEU B 213 -24.92 18.52 4.11
CA LEU B 213 -25.41 17.42 3.31
C LEU B 213 -24.37 17.11 2.23
N VAL B 214 -23.92 15.86 2.16
CA VAL B 214 -22.94 15.44 1.17
C VAL B 214 -23.64 14.50 0.20
N ALA B 215 -23.58 14.86 -1.08
CA ALA B 215 -24.25 14.09 -2.12
C ALA B 215 -23.45 12.98 -2.78
N TYR B 216 -24.01 11.77 -2.78
CA TYR B 216 -23.39 10.65 -3.45
C TYR B 216 -24.33 10.26 -4.58
N SER B 217 -23.80 9.60 -5.60
CA SER B 217 -24.57 9.22 -6.77
C SER B 217 -25.13 10.52 -7.38
N ALA B 218 -24.39 11.61 -7.18
CA ALA B 218 -24.77 12.93 -7.68
C ALA B 218 -24.74 13.03 -9.21
N LEU B 219 -24.16 12.02 -9.86
CA LEU B 219 -24.10 11.99 -11.31
C LEU B 219 -25.04 10.90 -11.85
N GLY B 220 -25.90 10.37 -10.97
CA GLY B 220 -26.85 9.36 -11.41
C GLY B 220 -26.51 7.91 -11.14
N SER B 221 -25.47 7.69 -10.34
CA SER B 221 -25.03 6.34 -9.98
C SER B 221 -24.31 5.60 -11.12
N GLN B 222 -23.68 4.49 -10.77
CA GLN B 222 -22.93 3.68 -11.73
C GLN B 222 -23.83 2.78 -12.56
N ARG B 223 -25.12 2.77 -12.22
CA ARG B 223 -26.13 2.00 -12.94
C ARG B 223 -25.86 0.51 -13.14
N ASP B 224 -25.28 -0.15 -12.16
CA ASP B 224 -25.02 -1.58 -12.30
C ASP B 224 -26.33 -2.36 -12.32
N LYS B 225 -26.49 -3.22 -13.32
CA LYS B 225 -27.70 -4.01 -13.46
C LYS B 225 -28.00 -4.91 -12.26
N ARG B 226 -27.09 -4.93 -11.29
CA ARG B 226 -27.28 -5.75 -10.10
C ARG B 226 -28.10 -5.03 -9.03
N TRP B 227 -28.05 -3.70 -9.04
CA TRP B 227 -28.78 -2.93 -8.05
C TRP B 227 -29.61 -1.78 -8.60
N VAL B 228 -29.37 -1.43 -9.86
CA VAL B 228 -30.09 -0.34 -10.48
C VAL B 228 -31.01 -0.82 -11.59
N ASP B 229 -32.27 -0.40 -11.51
CA ASP B 229 -33.26 -0.76 -12.52
C ASP B 229 -32.80 -0.17 -13.85
N PRO B 230 -32.61 -1.03 -14.86
CA PRO B 230 -32.16 -0.57 -16.18
C PRO B 230 -33.16 0.37 -16.85
N ASN B 231 -34.42 0.28 -16.43
CA ASN B 231 -35.47 1.12 -16.99
C ASN B 231 -35.57 2.47 -16.30
N SER B 232 -34.74 2.69 -15.27
CA SER B 232 -34.76 3.97 -14.57
C SER B 232 -34.20 5.04 -15.50
N PRO B 233 -34.71 6.27 -15.39
CA PRO B 233 -34.22 7.35 -16.25
C PRO B 233 -32.75 7.64 -16.01
N VAL B 234 -31.98 7.73 -17.09
CA VAL B 234 -30.56 8.02 -17.02
C VAL B 234 -30.38 9.52 -16.78
N LEU B 235 -29.95 9.88 -15.58
CA LEU B 235 -29.78 11.28 -15.20
C LEU B 235 -29.01 12.14 -16.19
N LEU B 236 -27.85 11.67 -16.62
CA LEU B 236 -27.01 12.42 -17.54
C LEU B 236 -27.60 12.56 -18.95
N GLU B 237 -28.80 12.02 -19.14
CA GLU B 237 -29.46 12.10 -20.43
C GLU B 237 -30.66 13.03 -20.33
N ASP B 238 -30.84 13.65 -19.17
CA ASP B 238 -31.95 14.56 -18.96
C ASP B 238 -31.93 15.72 -19.94
N PRO B 239 -33.07 16.01 -20.59
CA PRO B 239 -33.19 17.11 -21.56
C PRO B 239 -32.82 18.49 -21.00
N VAL B 240 -33.26 18.77 -19.78
CA VAL B 240 -32.95 20.05 -19.15
C VAL B 240 -31.46 20.16 -18.83
N LEU B 241 -30.89 19.08 -18.31
CA LEU B 241 -29.47 19.08 -17.97
C LEU B 241 -28.62 19.23 -19.23
N CYS B 242 -28.99 18.51 -20.28
CA CYS B 242 -28.26 18.57 -21.53
C CYS B 242 -28.37 19.96 -22.16
N ALA B 243 -29.55 20.58 -22.03
CA ALA B 243 -29.76 21.92 -22.58
C ALA B 243 -28.91 22.94 -21.82
N LEU B 244 -28.80 22.76 -20.51
CA LEU B 244 -28.00 23.66 -19.71
C LEU B 244 -26.52 23.45 -20.02
N ALA B 245 -26.17 22.21 -20.35
CA ALA B 245 -24.78 21.87 -20.69
C ALA B 245 -24.40 22.61 -21.97
N LYS B 246 -25.24 22.47 -22.99
CA LYS B 246 -25.04 23.13 -24.28
C LYS B 246 -24.91 24.64 -24.11
N LYS B 247 -25.77 25.21 -23.28
CA LYS B 247 -25.77 26.64 -23.04
C LYS B 247 -24.49 27.15 -22.38
N HIS B 248 -24.00 26.42 -21.38
CA HIS B 248 -22.79 26.82 -20.68
C HIS B 248 -21.53 26.23 -21.30
N LYS B 249 -21.69 25.46 -22.37
CA LYS B 249 -20.56 24.83 -23.05
C LYS B 249 -19.82 23.91 -22.07
N ARG B 250 -20.59 23.07 -21.38
CA ARG B 250 -20.04 22.13 -20.43
C ARG B 250 -20.68 20.77 -20.68
N THR B 251 -20.85 19.98 -19.63
CA THR B 251 -21.46 18.66 -19.76
C THR B 251 -22.53 18.47 -18.70
N PRO B 252 -23.49 17.55 -18.94
CA PRO B 252 -24.56 17.28 -17.98
C PRO B 252 -24.02 16.99 -16.59
N ALA B 253 -22.92 16.23 -16.52
CA ALA B 253 -22.28 15.88 -15.25
C ALA B 253 -21.83 17.14 -14.52
N LEU B 254 -21.20 18.05 -15.26
CA LEU B 254 -20.73 19.30 -14.68
C LEU B 254 -21.90 20.17 -14.19
N ILE B 255 -23.02 20.10 -14.91
CA ILE B 255 -24.20 20.88 -14.52
C ILE B 255 -24.77 20.34 -13.22
N ALA B 256 -24.89 19.01 -13.14
CA ALA B 256 -25.42 18.36 -11.94
C ALA B 256 -24.55 18.63 -10.71
N LEU B 257 -23.23 18.68 -10.92
CA LEU B 257 -22.28 18.94 -9.84
C LEU B 257 -22.39 20.41 -9.40
N ARG B 258 -22.43 21.32 -10.36
CA ARG B 258 -22.54 22.75 -10.08
C ARG B 258 -23.82 23.05 -9.29
N TYR B 259 -24.90 22.37 -9.65
CA TYR B 259 -26.19 22.53 -8.99
C TYR B 259 -26.03 22.35 -7.48
N GLN B 260 -25.37 21.26 -7.08
CA GLN B 260 -25.18 20.99 -5.66
C GLN B 260 -24.34 22.08 -4.98
N LEU B 261 -23.23 22.44 -5.61
CA LEU B 261 -22.37 23.45 -5.04
C LEU B 261 -23.11 24.75 -4.76
N GLN B 262 -23.96 25.16 -5.70
CA GLN B 262 -24.70 26.41 -5.55
C GLN B 262 -25.87 26.36 -4.56
N ARG B 263 -26.20 25.17 -4.07
CA ARG B 263 -27.27 25.04 -3.10
C ARG B 263 -26.74 24.61 -1.71
N GLY B 264 -25.42 24.75 -1.53
CA GLY B 264 -24.79 24.42 -0.26
C GLY B 264 -24.53 22.96 0.02
N VAL B 265 -24.62 22.12 -1.01
CA VAL B 265 -24.39 20.70 -0.87
C VAL B 265 -22.99 20.31 -1.35
N VAL B 266 -22.25 19.59 -0.52
CA VAL B 266 -20.91 19.12 -0.88
C VAL B 266 -21.17 17.97 -1.84
N VAL B 267 -20.44 17.93 -2.95
CA VAL B 267 -20.68 16.91 -3.95
C VAL B 267 -19.54 15.94 -4.24
N LEU B 268 -19.88 14.66 -4.34
CA LEU B 268 -18.90 13.63 -4.63
C LEU B 268 -19.05 13.29 -6.11
N ALA B 269 -17.97 12.81 -6.71
CA ALA B 269 -18.00 12.42 -8.11
C ALA B 269 -17.01 11.28 -8.32
N LYS B 270 -17.52 10.12 -8.74
CA LYS B 270 -16.67 8.99 -9.00
C LYS B 270 -16.41 8.87 -10.50
N SER B 271 -15.17 8.55 -10.83
CA SER B 271 -14.75 8.32 -12.21
C SER B 271 -13.41 7.61 -12.18
N TYR B 272 -13.33 6.52 -12.94
CA TYR B 272 -12.10 5.77 -13.04
C TYR B 272 -11.60 5.97 -14.46
N ASN B 273 -12.00 7.10 -15.04
CA ASN B 273 -11.63 7.48 -16.41
C ASN B 273 -10.80 8.75 -16.32
N GLU B 274 -9.55 8.70 -16.77
CA GLU B 274 -8.67 9.86 -16.69
C GLU B 274 -9.22 11.14 -17.31
N GLN B 275 -9.84 11.03 -18.46
CA GLN B 275 -10.38 12.21 -19.14
C GLN B 275 -11.54 12.82 -18.33
N ARG B 276 -12.44 11.98 -17.81
CA ARG B 276 -13.57 12.46 -17.02
C ARG B 276 -13.12 13.02 -15.67
N ILE B 277 -12.05 12.45 -15.11
CA ILE B 277 -11.53 12.93 -13.84
C ILE B 277 -10.98 14.35 -14.06
N ARG B 278 -10.29 14.53 -15.19
CA ARG B 278 -9.69 15.80 -15.55
C ARG B 278 -10.74 16.85 -15.88
N GLN B 279 -11.87 16.40 -16.43
CA GLN B 279 -12.96 17.29 -16.79
C GLN B 279 -13.79 17.73 -15.58
N ASN B 280 -14.09 16.78 -14.68
CA ASN B 280 -14.90 17.07 -13.50
C ASN B 280 -14.45 18.20 -12.59
N VAL B 281 -13.17 18.56 -12.62
CA VAL B 281 -12.70 19.65 -11.77
C VAL B 281 -13.09 21.02 -12.32
N GLN B 282 -13.67 21.03 -13.52
CA GLN B 282 -14.12 22.26 -14.17
C GLN B 282 -15.31 22.88 -13.45
N VAL B 283 -15.90 22.15 -12.51
CA VAL B 283 -17.07 22.62 -11.77
C VAL B 283 -16.89 23.99 -11.11
N PHE B 284 -15.64 24.41 -10.92
CA PHE B 284 -15.38 25.70 -10.29
C PHE B 284 -15.17 26.81 -11.32
N GLU B 285 -15.20 26.45 -12.60
CA GLU B 285 -14.96 27.42 -13.68
C GLU B 285 -16.17 28.16 -14.23
N PHE B 286 -17.37 27.77 -13.81
CA PHE B 286 -18.57 28.44 -14.29
C PHE B 286 -19.64 28.50 -13.22
N GLN B 287 -20.72 29.20 -13.52
CA GLN B 287 -21.80 29.33 -12.57
C GLN B 287 -23.16 29.24 -13.28
N LEU B 288 -24.15 28.70 -12.55
CA LEU B 288 -25.50 28.57 -13.09
C LEU B 288 -26.29 29.78 -12.60
N THR B 289 -27.24 30.25 -13.40
CA THR B 289 -28.04 31.40 -13.00
C THR B 289 -29.14 30.94 -12.05
N ALA B 290 -29.75 31.90 -11.36
CA ALA B 290 -30.83 31.61 -10.44
C ALA B 290 -31.93 30.88 -11.21
N GLU B 291 -32.17 31.31 -12.45
CA GLU B 291 -33.18 30.68 -13.29
C GLU B 291 -32.76 29.25 -13.65
N ASP B 292 -31.46 29.04 -13.87
CA ASP B 292 -30.92 27.74 -14.21
C ASP B 292 -31.17 26.79 -13.04
N MET B 293 -30.87 27.28 -11.84
CA MET B 293 -31.03 26.51 -10.62
C MET B 293 -32.49 26.08 -10.47
N LYS B 294 -33.41 27.00 -10.74
CA LYS B 294 -34.83 26.70 -10.63
C LYS B 294 -35.25 25.61 -11.62
N ALA B 295 -34.68 25.65 -12.82
CA ALA B 295 -35.00 24.66 -13.82
C ALA B 295 -34.57 23.28 -13.33
N ILE B 296 -33.40 23.21 -12.71
CA ILE B 296 -32.90 21.94 -12.20
C ILE B 296 -33.76 21.48 -11.01
N ASP B 297 -34.15 22.42 -10.15
CA ASP B 297 -35.02 22.12 -9.01
C ASP B 297 -36.31 21.44 -9.49
N GLY B 298 -36.77 21.85 -10.68
CA GLY B 298 -37.99 21.29 -11.23
C GLY B 298 -37.89 19.86 -11.72
N LEU B 299 -36.70 19.28 -11.66
CA LEU B 299 -36.48 17.90 -12.11
C LEU B 299 -36.74 16.85 -11.03
N ASP B 300 -36.84 17.28 -9.78
CA ASP B 300 -37.04 16.38 -8.65
C ASP B 300 -38.23 15.43 -8.78
N ARG B 301 -37.99 14.15 -8.50
CA ARG B 301 -39.02 13.14 -8.57
C ARG B 301 -38.76 12.06 -7.52
N ASN B 302 -37.97 12.42 -6.50
CA ASN B 302 -37.60 11.53 -5.41
C ASN B 302 -37.20 10.14 -5.88
N LEU B 303 -36.40 10.09 -6.95
CA LEU B 303 -35.93 8.82 -7.50
C LEU B 303 -34.66 8.36 -6.79
N HIS B 304 -34.73 7.16 -6.23
CA HIS B 304 -33.64 6.52 -5.50
C HIS B 304 -33.13 5.44 -6.46
N TYR B 305 -31.87 5.56 -6.88
CA TYR B 305 -31.28 4.61 -7.83
C TYR B 305 -30.97 3.22 -7.30
N PHE B 306 -30.40 3.14 -6.10
CA PHE B 306 -30.06 1.83 -5.52
C PHE B 306 -31.28 1.06 -5.03
N ASN B 307 -31.29 -0.24 -5.27
CA ASN B 307 -32.39 -1.09 -4.83
C ASN B 307 -32.20 -1.50 -3.38
N SER B 308 -32.94 -0.83 -2.48
CA SER B 308 -32.83 -1.11 -1.05
C SER B 308 -34.00 -1.95 -0.54
N ASP B 309 -34.82 -2.44 -1.46
CA ASP B 309 -36.00 -3.23 -1.12
C ASP B 309 -35.76 -4.38 -0.14
N SER B 310 -34.60 -5.01 -0.23
CA SER B 310 -34.27 -6.13 0.65
C SER B 310 -34.10 -5.75 2.11
N PHE B 311 -33.90 -4.46 2.37
CA PHE B 311 -33.71 -3.98 3.74
C PHE B 311 -34.97 -3.35 4.32
N ALA B 312 -36.06 -3.40 3.55
CA ALA B 312 -37.34 -2.82 3.97
C ALA B 312 -37.80 -3.24 5.37
N SER B 313 -37.57 -4.50 5.72
CA SER B 313 -37.97 -5.00 7.02
C SER B 313 -37.07 -4.55 8.17
N HIS B 314 -35.86 -4.11 7.86
CA HIS B 314 -34.93 -3.66 8.89
C HIS B 314 -35.51 -2.56 9.76
N PRO B 315 -35.43 -2.72 11.08
CA PRO B 315 -35.97 -1.71 12.01
C PRO B 315 -35.45 -0.29 11.74
N ASN B 316 -34.23 -0.20 11.21
CA ASN B 316 -33.64 1.10 10.94
C ASN B 316 -33.71 1.52 9.47
N TYR B 317 -34.64 0.91 8.71
CA TYR B 317 -34.84 1.26 7.31
C TYR B 317 -35.14 2.76 7.29
N PRO B 318 -34.28 3.56 6.64
CA PRO B 318 -34.51 5.01 6.60
C PRO B 318 -35.39 5.58 5.48
N TYR B 319 -35.85 4.71 4.58
CA TYR B 319 -36.67 5.16 3.44
C TYR B 319 -38.20 5.17 3.65
N SER B 320 -38.64 4.75 4.82
CA SER B 320 -40.08 4.71 5.11
C SER B 320 -40.67 6.07 5.48
N ASP B 321 -39.84 6.95 6.04
CA ASP B 321 -40.30 8.27 6.45
C ASP B 321 -40.32 9.26 5.29
N GLU B 322 -41.06 10.35 5.48
CA GLU B 322 -41.18 11.41 4.47
C GLU B 322 -39.77 11.81 4.07
N TYR B 323 -38.94 12.01 5.09
CA TYR B 323 -37.54 12.38 4.90
C TYR B 323 -36.87 12.34 6.27
PA NDP C . 17.16 -8.27 -10.17
O1A NDP C . 15.97 -7.58 -9.83
O2A NDP C . 18.55 -7.80 -9.87
O5B NDP C . 17.11 -8.61 -11.69
C5B NDP C . 17.23 -7.65 -12.68
C4B NDP C . 16.82 -8.53 -13.88
O4B NDP C . 16.95 -7.56 -14.95
C3B NDP C . 17.85 -9.66 -14.20
O3B NDP C . 17.09 -10.88 -14.33
C2B NDP C . 18.53 -9.25 -15.48
O2B NDP C . 18.41 -10.17 -16.56
C1B NDP C . 17.92 -7.89 -15.89
N9A NDP C . 18.93 -6.87 -15.92
C8A NDP C . 20.12 -6.71 -15.23
N7A NDP C . 20.78 -5.61 -15.55
C5A NDP C . 19.96 -5.02 -16.50
C6A NDP C . 20.13 -3.83 -17.22
N6A NDP C . 21.16 -2.97 -17.12
N1A NDP C . 19.14 -3.48 -18.12
C2A NDP C . 18.00 -4.30 -18.31
N3A NDP C . 17.82 -5.48 -17.61
C4A NDP C . 18.82 -5.80 -16.73
O3 NDP C . 17.03 -9.79 -9.81
PN NDP C . 17.01 -10.59 -8.50
O1N NDP C . 17.52 -11.94 -8.75
O2N NDP C . 15.63 -10.47 -7.96
O5D NDP C . 18.12 -9.74 -7.79
C5D NDP C . 18.28 -9.73 -6.41
C4D NDP C . 19.56 -10.43 -6.09
O4D NDP C . 19.55 -10.36 -4.67
C3D NDP C . 19.63 -11.99 -6.42
O3D NDP C . 20.40 -12.36 -7.58
C2D NDP C . 20.17 -12.58 -5.13
O2D NDP C . 21.59 -12.56 -5.08
C1D NDP C . 19.60 -11.69 -4.09
N1N NDP C . 18.23 -12.03 -3.54
C2N NDP C . 18.06 -12.24 -2.17
C3N NDP C . 16.80 -12.57 -1.70
C7N NDP C . 16.64 -12.83 -0.21
O7N NDP C . 15.55 -13.19 0.16
N7N NDP C . 17.65 -12.71 0.61
C4N NDP C . 15.65 -12.72 -2.60
C5N NDP C . 15.84 -12.49 -3.98
C6N NDP C . 17.12 -12.15 -4.48
P2B NDP C . 19.71 -10.66 -17.37
O1X NDP C . 20.35 -11.75 -16.50
O2X NDP C . 19.10 -11.18 -18.62
O3X NDP C . 20.61 -9.46 -17.52
O1 RUT D . 14.28 -17.43 -6.88
C1 RUT D . 14.26 -18.23 -5.72
C2 RUT D . 13.70 -19.50 -5.73
O2 RUT D . 13.70 -20.29 -4.58
C3 RUT D . 13.09 -20.02 -7.01
O3 RUT D . 12.57 -21.18 -7.07
C4 RUT D . 12.62 -19.47 -9.57
O4 RUT D . 12.06 -20.73 -9.69
C5 RUT D . 12.72 -18.58 -10.65
C6 RUT D . 13.35 -17.27 -10.40
O5 RUT D . 13.46 -16.37 -11.43
C7 RUT D . 13.90 -16.78 -9.16
C8 RUT D . 13.74 -17.82 -8.12
C9 RUT D . 13.14 -19.12 -8.21
C10 RUT D . 15.00 -17.45 -4.62
C11 RUT D . 16.02 -16.64 -5.04
C12 RUT D . 16.78 -15.95 -4.12
O6 RUT D . 17.77 -15.16 -4.53
C13 RUT D . 16.53 -16.06 -2.75
O7 RUT D . 17.31 -15.37 -1.89
C14 RUT D . 15.51 -16.85 -2.30
C15 RUT D . 14.66 -17.62 -3.16
C16 RUT D . 12.43 -20.44 -3.85
C17 RUT D . 12.31 -21.92 -3.42
O8 RUT D . 12.30 -22.74 -4.63
C18 RUT D . 10.93 -22.04 -2.57
O9 RUT D . 10.76 -23.38 -2.18
C19 RUT D . 11.05 -21.13 -1.42
O10 RUT D . 9.87 -21.18 -0.62
C20 RUT D . 11.26 -19.61 -1.87
C21 RUT D . 11.40 -18.63 -0.70
O11 RUT D . 12.47 -19.55 -2.69
C22 RUT D . 12.20 -16.39 -0.28
O12 RUT D . 11.64 -17.28 -1.26
C23 RUT D . 12.51 -15.01 -0.95
O13 RUT D . 13.10 -14.20 0.06
C24 RUT D . 11.24 -14.26 -1.43
O14 RUT D . 11.58 -13.00 -2.05
C25 RUT D . 10.25 -14.04 -0.21
O15 RUT D . 9.09 -13.35 -0.64
C26 RUT D . 9.95 -15.51 0.38
C27 RUT D . 8.99 -15.34 1.64
O16 RUT D . 11.23 -16.16 0.82
PA NDP E . -21.48 8.84 -9.36
O1A NDP E . -22.89 9.01 -9.33
O2A NDP E . -20.44 9.86 -9.02
O5B NDP E . -21.10 8.22 -10.76
C5B NDP E . -21.05 8.98 -11.93
C4B NDP E . -20.81 7.84 -12.94
O4B NDP E . -20.75 8.60 -14.18
C3B NDP E . -19.42 7.15 -12.80
O3B NDP E . -19.66 5.74 -12.76
C2B NDP E . -18.62 7.56 -14.01
O2B NDP E . -18.18 6.51 -14.84
C1B NDP E . -19.51 8.53 -14.84
N9A NDP E . -18.91 9.84 -14.90
C8A NDP E . -18.06 10.51 -14.06
N7A NDP E . -17.72 11.72 -14.48
C5A NDP E . -18.40 11.83 -15.68
C6A NDP E . -18.45 12.89 -16.59
N6A NDP E . -17.81 14.07 -16.49
N1A NDP E . -19.24 12.71 -17.74
C2A NDP E . -19.96 11.53 -17.94
N3A NDP E . -19.93 10.47 -17.06
C4A NDP E . -19.14 10.66 -15.94
O3 NDP E . -21.04 7.52 -8.62
PN NDP E . -21.43 6.71 -7.33
O1N NDP E . -20.43 5.66 -7.15
O2N NDP E . -22.82 6.26 -7.53
O5D NDP E . -21.29 7.74 -6.15
C5D NDP E . -20.08 8.54 -6.06
C4D NDP E . -19.29 8.20 -4.84
O4D NDP E . -19.97 8.50 -3.58
C3D NDP E . -18.76 6.72 -4.66
O3D NDP E . -17.58 6.43 -5.42
C2D NDP E . -18.58 6.62 -3.16
O2D NDP E . -17.35 7.16 -2.72
C1D NDP E . -19.72 7.41 -2.62
N1N NDP E . -21.00 6.65 -2.30
C2N NDP E . -21.42 6.53 -0.96
C3N NDP E . -22.57 5.80 -0.68
C7N NDP E . -23.01 5.66 0.80
O7N NDP E . -23.99 4.99 1.01
N7N NDP E . -22.34 6.22 1.76
C4N NDP E . -23.35 5.16 -1.75
C5N NDP E . -22.90 5.32 -3.09
C6N NDP E . -21.74 6.06 -3.40
P2B NDP E . -16.61 6.36 -15.25
O1X NDP E . -15.91 5.83 -13.99
O2X NDP E . -16.71 5.38 -16.35
O3X NDP E . -16.13 7.75 -15.61
O1 RUT F . -22.01 -0.29 -5.07
C1 RUT F . -22.06 -0.87 -3.77
C2 RUT F . -22.17 -2.26 -3.60
O2 RUT F . -22.21 -2.82 -2.33
C3 RUT F . -22.23 -3.14 -4.83
O3 RUT F . -22.32 -4.39 -4.71
C4 RUT F . -22.16 -3.18 -7.49
O4 RUT F . -22.24 -4.57 -7.42
C5 RUT F . -22.08 -2.50 -8.71
C6 RUT F . -21.98 -1.02 -8.64
O5 RUT F . -21.90 -0.31 -9.82
C7 RUT F . -21.97 -0.18 -7.47
C8 RUT F . -22.05 -1.03 -6.26
C9 RUT F . -22.16 -2.47 -6.16
C10 RUT F . -21.93 0.27 -2.73
C11 RUT F . -21.13 1.33 -3.09
C12 RUT F . -20.90 2.37 -2.19
O6 RUT F . -20.13 3.40 -2.53
C13 RUT F . -21.45 2.35 -0.92
O7 RUT F . -21.18 3.38 -0.07
C14 RUT F . -22.26 1.31 -0.53
C15 RUT F . -22.57 0.19 -1.37
C16 RUT F . -23.52 -3.30 -1.81
C17 RUT F . -23.27 -4.70 -1.18
O8 RUT F . -22.78 -5.60 -2.22
C18 RUT F . -24.70 -5.18 -0.56
O9 RUT F . -24.53 -6.46 0.01
C19 RUT F . -25.11 -4.18 0.43
O10 RUT F . -26.34 -4.54 1.02
C20 RUT F . -25.28 -2.72 -0.21
C21 RUT F . -25.70 -1.66 0.79
O11 RUT F . -23.99 -2.35 -0.82
C22 RUT F . -25.91 0.77 0.94
O12 RUT F . -25.78 -0.37 0.07
C23 RUT F . -25.92 2.07 0.05
O13 RUT F . -26.00 3.18 0.95
C24 RUT F . -27.17 2.14 -0.88
O14 RUT F . -27.14 3.33 -1.68
C25 RUT F . -28.49 2.08 -0.02
O15 RUT F . -29.63 2.15 -0.86
C26 RUT F . -28.42 0.71 0.82
C27 RUT F . -29.71 0.62 1.73
O16 RUT F . -27.20 0.72 1.69
#